data_6IRT
#
_entry.id   6IRT
#
_cell.length_a   1.0
_cell.length_b   1.0
_cell.length_c   1.0
_cell.angle_alpha   90.00
_cell.angle_beta   90.00
_cell.angle_gamma   90.00
#
_symmetry.space_group_name_H-M   'P 1'
#
loop_
_entity.id
_entity.type
_entity.pdbx_description
1 polymer '4F2 cell-surface antigen heavy chain'
2 polymer 'Large neutral amino acids transporter small subunit 1'
3 branched 2-acetamido-2-deoxy-beta-D-glucopyranose-(1-4)-2-acetamido-2-deoxy-beta-D-glucopyranose
4 non-polymer 1,2-DIACYL-GLYCEROL-3-SN-PHOSPHATE
5 non-polymer '(1S,2S,4R)-2-aminobicyclo[2.2.1]heptane-2-carboxylic acid'
#
loop_
_entity_poly.entity_id
_entity_poly.type
_entity_poly.pdbx_seq_one_letter_code
_entity_poly.pdbx_strand_id
1 'polypeptide(L)'
;MAHHHHHHHHHHSGRELQPPEASIAVVSIPRQLPGSHSEAGVQGLSAGDDSETGSDCVTQAGLQLLASSDPPALASKNAE
VTVETGFHHVSQADIEFLTSIDPTASASGSAGITGTMSQDTEVDMKEVELNELEPEKQPMNAASGAAMSLAGAEKNGLVK
IKVAEDEAEAAAAAKFTGLSKEELLKVAGSPGWVRTRWALLLLFWLGWLGMLAGAVVIIVRAPRCRELPAQKWWHTGALY
RIGDLQAFQGHGAGNLAGLKGRLDYLSSLKVKGLVLGPIHKNQKDDVAQTDLLQIDPNFGSKEDFDSLLQSAKKKSIRVI
LDLTPNYRGENSWFSTQVDTVATKVKDALEFWLQAGVDGFQVRDIENLKDASSFLAEWQNITKGFSEDRLLIAGTNSSDL
QQILSLLESNKDLLLTSSYLSDSGSTGEHTKSLVTQYLNATGNRWCSWSLSQARLLTSFLPAQLLRLYQLMLFTLPGTPV
FSYGDEIGLDAAALPGQPMEAPVMLWDESSFPDIPGAVSANMTVKGQSEDPGSLLSLFRRLSDQRSKERSLLHGDFHAFS
AGPGLFSYIRHWDQNERFLVVLNFGDVGLSAGLQASDLPASASLPAKADLLLSTQPGREEGSPLELERLKLEPHEGLLLR
FPYAALE
;
A
2 'polypeptide(L)'
;MADYKDDDDKSGPDEVDASGRAGAGPKRRALAAPAAEEKEEAREKMLAAKSADGSEPAGEGEGVTLQRNITLLNGVAIIV
GTIIGSGIFVTPTGVLKEAGSPGLALVVWAACGVFSIVGALCYAELGTTISKSGGDYAYMLEVYGSLPAFLKLWIELLII
RPSSQYIVALVFATYLLKPLFPTCPVPEEAAKLVACLCVLLLTAVNCYSVKAATRVQDAFAAAKLLALALIILLGFVQIG
KGDVSNLDPNFSFEGTKLDVGNIVLALYSGLFAYGGWNYLNFVTEEMINPYRNLPLAIIISLPIVTLVYVLTNLAYFTTL
STEQMLSSEAVAVDFGNYHLGVMSWIIPVFVGLSCFGSVNGSLFTSSRLFFVGSREGHLPSILSMIHPQLLTPVPSLVFT
CVMTLLYAFSKDIFSVINFFSFFNWLCVALAIIGMIWLRHRKPELERPIKVNLALPVFFILACLFLIAVSFWKTPVECGI
GFTIILSGLPVYFFGVWWKNKPKWLLQGIFSTTVLCQKLMQVVPQET
;
B
#
loop_
_chem_comp.id
_chem_comp.type
_chem_comp.name
_chem_comp.formula
3PH non-polymer 1,2-DIACYL-GLYCEROL-3-SN-PHOSPHATE 'C39 H77 O8 P'
AUU non-polymer '(1S,2S,4R)-2-aminobicyclo[2.2.1]heptane-2-carboxylic acid' 'C8 H13 N O2'
NAG D-saccharide, beta linking 2-acetamido-2-deoxy-beta-D-glucopyranose 'C8 H15 N O6'
#
# COMPACT_ATOMS: atom_id res chain seq x y z
N THR A 177 -42.39 -29.27 17.22
CA THR A 177 -41.10 -29.26 17.91
C THR A 177 -40.59 -30.67 18.14
N GLY A 178 -39.31 -30.88 17.86
CA GLY A 178 -38.69 -32.14 18.19
C GLY A 178 -38.03 -32.08 19.56
N LEU A 179 -38.60 -31.26 20.44
CA LEU A 179 -38.05 -31.08 21.79
C LEU A 179 -38.18 -32.29 22.71
N SER A 180 -37.13 -32.55 23.47
CA SER A 180 -37.07 -33.66 24.42
C SER A 180 -37.34 -33.19 25.86
N LYS A 181 -37.72 -31.92 25.98
CA LYS A 181 -38.06 -31.24 27.24
C LYS A 181 -36.92 -31.00 28.25
N GLU A 182 -37.27 -30.23 29.29
CA GLU A 182 -36.38 -29.81 30.37
C GLU A 182 -36.44 -30.60 31.67
N GLU A 183 -37.64 -30.88 32.17
CA GLU A 183 -37.72 -31.68 33.39
C GLU A 183 -37.49 -33.15 33.10
N LEU A 184 -38.02 -33.66 31.99
CA LEU A 184 -37.78 -35.05 31.65
C LEU A 184 -36.36 -35.30 31.18
N LEU A 185 -35.64 -34.25 30.78
CA LEU A 185 -34.27 -34.44 30.33
C LEU A 185 -33.32 -34.69 31.48
N LYS A 186 -33.59 -34.09 32.65
CA LYS A 186 -32.66 -34.17 33.77
C LYS A 186 -32.55 -35.57 34.34
N VAL A 187 -33.57 -36.42 34.10
CA VAL A 187 -33.47 -37.81 34.50
C VAL A 187 -32.58 -38.58 33.52
N ALA A 188 -32.75 -38.33 32.22
CA ALA A 188 -32.01 -39.08 31.23
C ALA A 188 -30.54 -38.67 31.16
N GLY A 189 -30.26 -37.38 31.30
CA GLY A 189 -28.88 -36.91 31.23
C GLY A 189 -28.25 -36.61 32.57
N SER A 190 -27.66 -37.64 33.19
CA SER A 190 -27.01 -37.48 34.49
C SER A 190 -26.02 -38.60 34.79
N PRO A 191 -26.48 -39.85 34.70
CA PRO A 191 -25.77 -41.11 34.95
C PRO A 191 -24.25 -41.10 34.74
N GLY A 192 -23.81 -41.25 33.49
CA GLY A 192 -22.41 -41.29 33.17
C GLY A 192 -22.11 -40.22 32.17
N TRP A 193 -23.15 -39.47 31.81
CA TRP A 193 -23.02 -38.33 30.94
C TRP A 193 -22.53 -37.10 31.65
N VAL A 194 -22.35 -37.17 32.97
CA VAL A 194 -21.64 -36.09 33.65
C VAL A 194 -20.15 -36.21 33.37
N ARG A 195 -19.62 -37.42 33.38
CA ARG A 195 -18.19 -37.62 33.21
C ARG A 195 -17.77 -37.36 31.77
N THR A 196 -18.50 -37.92 30.80
CA THR A 196 -18.15 -37.75 29.41
C THR A 196 -18.54 -36.39 28.86
N ARG A 197 -19.16 -35.52 29.64
CA ARG A 197 -19.22 -34.12 29.26
C ARG A 197 -18.20 -33.29 30.02
N TRP A 198 -17.74 -33.76 31.17
CA TRP A 198 -16.60 -33.13 31.82
C TRP A 198 -15.31 -33.46 31.10
N ALA A 199 -15.24 -34.62 30.46
CA ALA A 199 -14.03 -35.04 29.78
C ALA A 199 -14.02 -34.69 28.31
N LEU A 200 -15.19 -34.50 27.71
CA LEU A 200 -15.23 -33.95 26.35
C LEU A 200 -14.79 -32.50 26.35
N LEU A 201 -15.10 -31.77 27.42
CA LEU A 201 -14.70 -30.38 27.51
C LEU A 201 -13.21 -30.26 27.75
N LEU A 202 -12.58 -31.28 28.34
CA LEU A 202 -11.16 -31.18 28.61
C LEU A 202 -10.34 -31.36 27.33
N LEU A 203 -10.86 -32.14 26.39
CA LEU A 203 -10.22 -32.26 25.09
C LEU A 203 -10.31 -30.97 24.29
N PHE A 204 -11.25 -30.08 24.63
CA PHE A 204 -11.25 -28.76 24.01
C PHE A 204 -10.03 -27.96 24.43
N TRP A 205 -9.80 -27.81 25.74
CA TRP A 205 -8.75 -26.93 26.19
C TRP A 205 -7.37 -27.56 26.00
N LEU A 206 -7.29 -28.88 25.87
CA LEU A 206 -6.04 -29.47 25.41
C LEU A 206 -5.90 -29.40 23.91
N GLY A 207 -7.01 -29.21 23.20
CA GLY A 207 -6.93 -28.92 21.78
C GLY A 207 -6.74 -27.46 21.47
N TRP A 208 -6.94 -26.60 22.47
CA TRP A 208 -6.70 -25.19 22.29
C TRP A 208 -5.24 -24.86 22.49
N LEU A 209 -4.61 -25.47 23.50
CA LEU A 209 -3.20 -25.25 23.76
C LEU A 209 -2.33 -25.94 22.72
N GLY A 210 -2.85 -26.98 22.08
CA GLY A 210 -2.17 -27.54 20.93
C GLY A 210 -2.28 -26.68 19.70
N MET A 211 -3.15 -25.67 19.74
CA MET A 211 -3.18 -24.65 18.71
C MET A 211 -2.56 -23.36 19.22
N LEU A 212 -2.48 -23.15 20.53
CA LEU A 212 -1.74 -22.00 21.04
C LEU A 212 -0.25 -22.20 20.86
N ALA A 213 0.29 -23.27 21.45
CA ALA A 213 1.71 -23.53 21.31
C ALA A 213 2.07 -24.08 19.94
N GLY A 214 1.09 -24.43 19.11
CA GLY A 214 1.35 -24.74 17.73
C GLY A 214 1.51 -23.52 16.85
N ALA A 215 1.17 -22.35 17.38
CA ALA A 215 1.39 -21.09 16.67
C ALA A 215 2.54 -20.29 17.25
N VAL A 216 3.08 -20.71 18.38
CA VAL A 216 4.29 -20.10 18.91
C VAL A 216 5.51 -20.74 18.26
N VAL A 217 5.38 -21.95 17.75
CA VAL A 217 6.49 -22.59 17.06
C VAL A 217 6.78 -21.90 15.73
N ILE A 218 5.73 -21.59 14.97
CA ILE A 218 5.92 -21.05 13.63
C ILE A 218 6.48 -19.63 13.70
N ILE A 219 6.05 -18.85 14.70
CA ILE A 219 6.61 -17.52 14.84
C ILE A 219 8.05 -17.56 15.32
N VAL A 220 8.46 -18.60 16.05
CA VAL A 220 9.87 -18.69 16.45
C VAL A 220 10.72 -19.24 15.31
N ARG A 221 10.24 -20.26 14.61
CA ARG A 221 10.94 -20.79 13.45
C ARG A 221 10.99 -19.78 12.29
N ALA A 222 10.09 -18.79 12.26
CA ALA A 222 10.14 -17.73 11.26
C ALA A 222 11.41 -16.90 11.42
N PRO A 223 12.11 -16.55 10.32
CA PRO A 223 13.53 -16.19 10.40
C PRO A 223 13.89 -14.95 11.20
N ARG A 224 13.51 -13.78 10.69
CA ARG A 224 14.02 -12.48 11.12
C ARG A 224 13.38 -11.46 10.19
N CYS A 225 13.58 -10.19 10.49
CA CYS A 225 13.45 -9.12 9.50
C CYS A 225 14.75 -8.34 9.44
N ARG A 226 15.25 -8.13 8.22
CA ARG A 226 16.46 -7.35 8.01
C ARG A 226 16.16 -5.87 8.16
N GLU A 227 16.90 -5.21 9.03
CA GLU A 227 16.62 -3.82 9.34
C GLU A 227 17.07 -2.89 8.20
N LEU A 228 16.43 -1.74 8.14
CA LEU A 228 16.65 -0.83 7.02
C LEU A 228 17.94 -0.05 7.23
N PRO A 229 18.77 0.09 6.21
CA PRO A 229 20.14 0.56 6.45
C PRO A 229 20.33 2.07 6.44
N ALA A 230 19.43 2.82 7.07
CA ALA A 230 19.60 4.24 7.42
C ALA A 230 19.95 5.11 6.21
N GLN A 231 19.04 5.13 5.25
CA GLN A 231 19.30 5.85 4.02
C GLN A 231 19.17 7.35 4.18
N LYS A 232 20.12 8.06 3.58
CA LYS A 232 20.08 9.50 3.45
C LYS A 232 19.29 9.86 2.21
N TRP A 233 19.35 11.12 1.81
CA TRP A 233 18.51 11.53 0.69
C TRP A 233 19.17 11.25 -0.65
N TRP A 234 20.49 11.26 -0.72
CA TRP A 234 21.15 11.01 -2.00
C TRP A 234 21.32 9.53 -2.29
N HIS A 235 20.68 8.66 -1.53
CA HIS A 235 20.68 7.24 -1.80
C HIS A 235 19.44 6.78 -2.55
N THR A 236 18.43 7.65 -2.66
CA THR A 236 17.08 7.26 -3.06
C THR A 236 16.65 7.90 -4.38
N GLY A 237 17.52 7.90 -5.38
CA GLY A 237 17.14 8.49 -6.65
C GLY A 237 18.36 9.03 -7.36
N ALA A 238 18.12 9.57 -8.54
CA ALA A 238 19.21 10.01 -9.37
C ALA A 238 19.69 11.39 -8.94
N LEU A 239 20.61 11.93 -9.70
CA LEU A 239 20.95 13.35 -9.63
C LEU A 239 20.86 13.91 -11.03
N TYR A 240 21.10 15.20 -11.17
CA TYR A 240 20.87 15.82 -12.46
C TYR A 240 21.86 16.98 -12.57
N ARG A 241 22.97 16.75 -13.25
CA ARG A 241 23.97 17.80 -13.38
C ARG A 241 23.49 18.85 -14.37
N ILE A 242 23.31 20.06 -13.88
CA ILE A 242 22.92 21.21 -14.69
C ILE A 242 24.13 22.13 -14.74
N GLY A 243 24.89 22.05 -15.82
CA GLY A 243 26.10 22.83 -15.92
C GLY A 243 25.87 24.29 -16.24
N ASP A 244 25.33 24.58 -17.42
CA ASP A 244 25.25 25.93 -17.93
C ASP A 244 23.79 26.36 -17.95
N LEU A 245 23.47 27.35 -17.11
CA LEU A 245 22.08 27.77 -16.96
C LEU A 245 21.57 28.49 -18.19
N GLN A 246 22.43 29.27 -18.85
CA GLN A 246 22.05 30.04 -20.02
C GLN A 246 21.71 29.15 -21.20
N ALA A 247 22.20 27.92 -21.20
CA ALA A 247 21.84 26.98 -22.25
C ALA A 247 20.78 25.99 -21.80
N PHE A 248 20.46 25.93 -20.51
CA PHE A 248 19.40 25.03 -20.09
C PHE A 248 18.04 25.63 -20.34
N GLN A 249 17.79 26.86 -19.87
CA GLN A 249 16.58 27.56 -20.27
C GLN A 249 16.68 27.99 -21.72
N GLY A 250 17.72 28.75 -22.06
CA GLY A 250 17.89 29.33 -23.36
C GLY A 250 18.25 30.79 -23.28
N HIS A 251 18.14 31.47 -24.41
CA HIS A 251 18.45 32.90 -24.48
C HIS A 251 17.25 33.69 -24.01
N GLY A 252 17.48 34.62 -23.08
CA GLY A 252 16.43 35.45 -22.56
C GLY A 252 16.10 35.17 -21.10
N ALA A 253 16.09 33.88 -20.75
CA ALA A 253 15.78 33.46 -19.39
C ALA A 253 16.92 32.65 -18.77
N GLY A 254 18.15 32.93 -19.16
CA GLY A 254 19.29 32.24 -18.57
C GLY A 254 19.68 32.84 -17.24
N ASN A 255 18.89 32.59 -16.21
CA ASN A 255 19.11 33.21 -14.90
C ASN A 255 18.50 32.31 -13.83
N LEU A 256 18.69 32.70 -12.58
CA LEU A 256 18.21 31.87 -11.49
C LEU A 256 16.70 31.93 -11.35
N ALA A 257 16.10 33.09 -11.65
CA ALA A 257 14.65 33.21 -11.52
C ALA A 257 13.94 32.42 -12.61
N GLY A 258 14.55 32.31 -13.78
CA GLY A 258 14.01 31.44 -14.81
C GLY A 258 14.16 29.97 -14.48
N LEU A 259 15.12 29.61 -13.62
CA LEU A 259 15.26 28.23 -13.20
C LEU A 259 14.11 27.80 -12.30
N LYS A 260 13.53 28.76 -11.59
CA LYS A 260 12.48 28.48 -10.61
C LYS A 260 11.21 27.94 -11.27
N GLY A 261 11.04 28.18 -12.56
CA GLY A 261 9.88 27.68 -13.27
C GLY A 261 10.01 26.29 -13.85
N ARG A 262 11.20 25.70 -13.87
CA ARG A 262 11.40 24.41 -14.52
C ARG A 262 11.28 23.24 -13.55
N LEU A 263 11.07 23.50 -12.27
CA LEU A 263 11.10 22.46 -11.25
C LEU A 263 9.93 21.51 -11.37
N ASP A 264 8.86 21.93 -12.03
CA ASP A 264 7.72 21.06 -12.28
C ASP A 264 8.03 20.02 -13.34
N TYR A 265 9.05 20.25 -14.16
CA TYR A 265 9.55 19.23 -15.07
C TYR A 265 10.48 18.27 -14.37
N LEU A 266 11.38 18.78 -13.53
CA LEU A 266 12.38 17.95 -12.87
C LEU A 266 11.75 17.00 -11.88
N SER A 267 10.65 17.41 -11.25
CA SER A 267 9.94 16.51 -10.37
C SER A 267 9.23 15.40 -11.14
N SER A 268 8.91 15.63 -12.40
CA SER A 268 8.35 14.55 -13.22
C SER A 268 9.41 13.51 -13.55
N LEU A 269 10.67 13.93 -13.62
CA LEU A 269 11.78 13.01 -13.77
C LEU A 269 12.12 12.31 -12.46
N LYS A 270 11.64 12.86 -11.33
CA LYS A 270 11.89 12.34 -9.99
C LYS A 270 13.38 12.28 -9.66
N VAL A 271 14.10 13.33 -9.98
CA VAL A 271 15.45 13.49 -9.48
C VAL A 271 15.36 13.94 -8.02
N LYS A 272 16.33 13.51 -7.21
CA LYS A 272 16.36 13.90 -5.81
C LYS A 272 17.34 15.01 -5.54
N GLY A 273 17.97 15.57 -6.56
CA GLY A 273 18.91 16.65 -6.34
C GLY A 273 19.21 17.32 -7.65
N LEU A 274 19.83 18.49 -7.54
CA LEU A 274 20.35 19.21 -8.69
C LEU A 274 21.76 19.64 -8.38
N VAL A 275 22.71 19.29 -9.23
CA VAL A 275 24.04 19.85 -9.15
C VAL A 275 23.96 21.19 -9.87
N LEU A 276 24.00 22.25 -9.10
CA LEU A 276 23.77 23.58 -9.63
C LEU A 276 25.07 24.36 -9.62
N GLY A 277 25.36 25.02 -10.72
CA GLY A 277 26.44 25.97 -10.72
C GLY A 277 27.54 25.66 -11.70
N PRO A 278 28.71 26.30 -11.54
CA PRO A 278 29.06 27.30 -10.53
C PRO A 278 28.48 28.66 -10.83
N ILE A 279 28.03 29.38 -9.81
CA ILE A 279 27.41 30.67 -10.03
C ILE A 279 28.16 31.79 -9.34
N HIS A 280 29.34 31.51 -8.77
CA HIS A 280 30.10 32.54 -8.07
C HIS A 280 30.78 33.48 -9.06
N LYS A 281 31.55 34.42 -8.53
CA LYS A 281 32.15 35.46 -9.35
C LYS A 281 33.56 35.05 -9.76
N ASN A 282 33.74 34.76 -11.04
CA ASN A 282 35.05 34.55 -11.65
C ASN A 282 35.21 35.58 -12.75
N GLN A 283 36.16 36.51 -12.58
CA GLN A 283 36.46 37.47 -13.64
C GLN A 283 37.02 36.78 -14.86
N LYS A 284 38.29 36.37 -14.78
CA LYS A 284 38.94 35.36 -15.62
C LYS A 284 40.33 35.10 -15.07
N ASP A 285 40.64 33.84 -14.72
CA ASP A 285 42.01 33.34 -14.50
C ASP A 285 42.77 34.11 -13.40
N ASP A 286 42.06 34.77 -12.50
CA ASP A 286 42.70 35.54 -11.45
C ASP A 286 42.41 34.89 -10.10
N VAL A 287 43.46 34.61 -9.35
CA VAL A 287 43.30 34.21 -7.96
C VAL A 287 42.75 35.37 -7.15
N ALA A 288 43.18 36.60 -7.47
CA ALA A 288 42.81 37.76 -6.68
C ALA A 288 41.35 38.14 -6.91
N GLN A 289 40.91 38.16 -8.16
CA GLN A 289 39.56 38.63 -8.48
C GLN A 289 38.59 37.50 -8.76
N THR A 290 38.65 36.44 -7.96
CA THR A 290 37.62 35.41 -7.94
C THR A 290 37.16 35.24 -6.50
N ASP A 291 35.88 35.44 -6.27
CA ASP A 291 35.28 35.34 -4.95
C ASP A 291 34.26 34.21 -4.95
N LEU A 292 34.23 33.45 -3.86
CA LEU A 292 33.28 32.36 -3.74
C LEU A 292 32.06 32.71 -2.92
N LEU A 293 32.09 33.84 -2.21
CA LEU A 293 30.91 34.25 -1.46
C LEU A 293 29.90 34.95 -2.36
N GLN A 294 30.39 35.73 -3.31
CA GLN A 294 29.53 36.58 -4.14
C GLN A 294 29.20 35.87 -5.45
N ILE A 295 27.93 35.91 -5.83
CA ILE A 295 27.45 35.34 -7.08
C ILE A 295 27.62 36.31 -8.23
N ASP A 296 27.54 35.80 -9.45
CA ASP A 296 27.64 36.64 -10.64
C ASP A 296 26.30 37.31 -10.91
N PRO A 297 26.25 38.63 -11.09
CA PRO A 297 25.00 39.29 -11.47
C PRO A 297 24.56 39.08 -12.91
N ASN A 298 25.19 38.15 -13.64
CA ASN A 298 24.54 37.61 -14.82
C ASN A 298 23.35 36.75 -14.47
N PHE A 299 23.33 36.20 -13.26
CA PHE A 299 22.25 35.32 -12.83
C PHE A 299 21.21 36.09 -12.04
N GLY A 300 21.60 36.69 -10.92
CA GLY A 300 20.64 37.33 -10.06
C GLY A 300 21.21 37.86 -8.77
N SER A 301 20.55 37.55 -7.66
CA SER A 301 21.02 37.93 -6.34
C SER A 301 20.88 36.73 -5.41
N LYS A 302 21.30 36.90 -4.17
CA LYS A 302 21.04 35.86 -3.18
C LYS A 302 19.57 35.75 -2.87
N GLU A 303 18.82 36.83 -3.04
CA GLU A 303 17.39 36.78 -2.88
C GLU A 303 16.72 35.98 -3.97
N ASP A 304 17.32 35.95 -5.16
CA ASP A 304 16.93 34.94 -6.14
C ASP A 304 17.39 33.56 -5.68
N PHE A 305 18.56 33.48 -5.06
CA PHE A 305 19.10 32.19 -4.67
C PHE A 305 18.40 31.64 -3.44
N ASP A 306 18.06 32.51 -2.49
CA ASP A 306 17.31 32.06 -1.32
C ASP A 306 15.90 31.64 -1.71
N SER A 307 15.32 32.30 -2.71
CA SER A 307 14.02 31.89 -3.20
C SER A 307 14.10 30.57 -3.94
N LEU A 308 15.23 30.29 -4.58
CA LEU A 308 15.38 29.04 -5.32
C LEU A 308 15.45 27.85 -4.40
N LEU A 309 16.17 27.99 -3.28
CA LEU A 309 16.26 26.91 -2.30
C LEU A 309 14.91 26.65 -1.67
N GLN A 310 14.25 27.72 -1.23
CA GLN A 310 12.98 27.58 -0.52
C GLN A 310 11.87 27.10 -1.44
N SER A 311 11.95 27.42 -2.73
CA SER A 311 10.97 26.90 -3.67
C SER A 311 11.20 25.43 -3.96
N ALA A 312 12.47 25.04 -4.05
CA ALA A 312 12.79 23.65 -4.36
C ALA A 312 12.53 22.75 -3.18
N LYS A 313 12.83 23.23 -1.98
CA LYS A 313 12.67 22.42 -0.79
C LYS A 313 11.21 22.20 -0.44
N LYS A 314 10.31 23.01 -0.99
CA LYS A 314 8.89 22.72 -0.91
C LYS A 314 8.56 21.45 -1.69
N LYS A 315 9.30 21.17 -2.74
CA LYS A 315 9.05 20.01 -3.58
C LYS A 315 9.94 18.83 -3.23
N SER A 316 10.81 19.00 -2.22
CA SER A 316 11.83 18.02 -1.81
C SER A 316 12.78 17.68 -2.96
N ILE A 317 13.31 18.71 -3.59
CA ILE A 317 14.39 18.59 -4.56
C ILE A 317 15.57 19.38 -4.00
N ARG A 318 16.61 18.68 -3.57
CA ARG A 318 17.71 19.32 -2.89
C ARG A 318 18.65 19.98 -3.90
N VAL A 319 19.42 20.95 -3.44
CA VAL A 319 20.26 21.74 -4.31
C VAL A 319 21.70 21.63 -3.85
N ILE A 320 22.58 21.20 -4.75
CA ILE A 320 23.99 21.00 -4.48
C ILE A 320 24.74 22.04 -5.29
N LEU A 321 25.63 22.78 -4.66
CA LEU A 321 26.34 23.83 -5.37
C LEU A 321 27.64 23.27 -5.96
N ASP A 322 28.03 23.78 -7.11
CA ASP A 322 29.29 23.42 -7.75
C ASP A 322 30.32 24.49 -7.40
N LEU A 323 31.35 24.11 -6.66
CA LEU A 323 32.37 25.06 -6.19
C LEU A 323 33.73 24.89 -6.87
N THR A 324 33.76 24.57 -8.15
CA THR A 324 35.04 24.58 -8.84
C THR A 324 35.45 26.01 -9.10
N PRO A 325 36.63 26.45 -8.65
CA PRO A 325 36.97 27.88 -8.68
C PRO A 325 37.10 28.48 -10.06
N ASN A 326 37.99 27.96 -10.90
CA ASN A 326 38.25 28.58 -12.20
C ASN A 326 37.45 27.84 -13.27
N TYR A 327 36.18 28.17 -13.37
CA TYR A 327 35.28 27.44 -14.24
C TYR A 327 35.17 28.05 -15.62
N ARG A 328 36.11 28.90 -16.01
CA ARG A 328 36.07 29.52 -17.33
C ARG A 328 37.34 29.31 -18.13
N GLY A 329 38.43 28.82 -17.53
CA GLY A 329 39.71 28.78 -18.17
C GLY A 329 40.27 27.38 -18.33
N GLU A 330 41.57 27.33 -18.57
CA GLU A 330 42.26 26.07 -18.80
C GLU A 330 42.39 25.26 -17.53
N ASN A 331 43.11 25.78 -16.55
CA ASN A 331 43.30 25.10 -15.28
C ASN A 331 42.21 25.56 -14.32
N SER A 332 41.42 24.61 -13.84
CA SER A 332 40.31 24.95 -12.95
C SER A 332 40.76 25.26 -11.55
N TRP A 333 42.02 25.05 -11.20
CA TRP A 333 42.46 25.26 -9.83
C TRP A 333 43.66 26.19 -9.76
N PHE A 334 43.81 27.09 -10.74
CA PHE A 334 44.71 28.24 -10.64
C PHE A 334 46.17 27.90 -10.41
N SER A 335 46.90 27.49 -11.46
CA SER A 335 48.24 26.88 -11.41
C SER A 335 49.32 27.52 -10.53
N THR A 336 49.06 28.72 -10.01
CA THR A 336 49.89 29.38 -9.01
C THR A 336 49.60 28.79 -7.63
N GLN A 337 49.99 29.46 -6.55
CA GLN A 337 49.94 28.91 -5.20
C GLN A 337 48.53 28.52 -4.76
N VAL A 338 48.46 27.47 -3.95
CA VAL A 338 47.27 26.64 -3.87
C VAL A 338 46.54 26.73 -2.55
N ASP A 339 47.19 27.20 -1.47
CA ASP A 339 46.52 27.18 -0.17
C ASP A 339 45.47 28.27 -0.06
N THR A 340 45.71 29.43 -0.67
CA THR A 340 44.71 30.48 -0.71
C THR A 340 43.53 30.10 -1.60
N VAL A 341 43.79 29.31 -2.66
CA VAL A 341 42.70 28.70 -3.40
C VAL A 341 41.92 27.77 -2.50
N ALA A 342 42.62 26.96 -1.70
CA ALA A 342 41.95 26.10 -0.76
C ALA A 342 41.33 26.88 0.39
N THR A 343 41.90 28.04 0.75
CA THR A 343 41.37 28.80 1.88
C THR A 343 40.06 29.47 1.51
N LYS A 344 39.90 29.85 0.24
CA LYS A 344 38.60 30.30 -0.24
C LYS A 344 37.58 29.18 -0.14
N VAL A 345 37.95 27.96 -0.54
CA VAL A 345 37.02 26.85 -0.51
C VAL A 345 36.77 26.40 0.93
N LYS A 346 37.78 26.52 1.78
CA LYS A 346 37.61 26.22 3.20
C LYS A 346 36.59 27.16 3.84
N ASP A 347 36.51 28.39 3.37
CA ASP A 347 35.59 29.35 3.95
C ASP A 347 34.23 29.36 3.28
N ALA A 348 34.15 29.02 1.99
CA ALA A 348 32.87 29.01 1.31
C ALA A 348 32.01 27.82 1.67
N LEU A 349 32.61 26.75 2.19
CA LEU A 349 31.80 25.68 2.77
C LEU A 349 31.03 26.19 3.98
N GLU A 350 31.66 27.05 4.77
CA GLU A 350 31.02 27.54 5.98
C GLU A 350 29.90 28.51 5.66
N PHE A 351 30.05 29.27 4.57
CA PHE A 351 29.09 30.34 4.28
C PHE A 351 27.81 29.81 3.66
N TRP A 352 27.94 28.99 2.61
CA TRP A 352 26.76 28.61 1.86
C TRP A 352 25.89 27.62 2.62
N LEU A 353 26.47 26.84 3.54
CA LEU A 353 25.65 25.95 4.34
C LEU A 353 24.78 26.72 5.32
N GLN A 354 25.17 27.94 5.67
CA GLN A 354 24.28 28.83 6.40
C GLN A 354 23.11 29.26 5.52
N ALA A 355 23.35 29.43 4.22
CA ALA A 355 22.29 29.82 3.31
C ALA A 355 21.30 28.68 3.09
N GLY A 356 21.76 27.45 3.22
CA GLY A 356 20.83 26.34 3.26
C GLY A 356 21.00 25.31 2.17
N VAL A 357 22.14 25.33 1.47
CA VAL A 357 22.40 24.33 0.45
C VAL A 357 22.69 22.99 1.12
N ASP A 358 22.47 21.92 0.38
CA ASP A 358 22.51 20.59 0.96
C ASP A 358 23.62 19.75 0.37
N GLY A 359 24.76 20.35 0.11
CA GLY A 359 25.90 19.59 -0.36
C GLY A 359 26.74 20.38 -1.33
N PHE A 360 27.91 19.88 -1.70
CA PHE A 360 28.73 20.60 -2.65
C PHE A 360 29.35 19.65 -3.65
N GLN A 361 29.84 20.21 -4.73
CA GLN A 361 30.58 19.45 -5.72
C GLN A 361 31.76 20.24 -6.22
N VAL A 362 32.95 19.67 -6.07
CA VAL A 362 34.14 20.18 -6.72
C VAL A 362 34.46 19.24 -7.87
N ARG A 363 35.13 19.76 -8.89
CA ARG A 363 35.46 18.96 -10.05
C ARG A 363 36.92 19.12 -10.40
N ASP A 364 37.40 18.19 -11.22
CA ASP A 364 38.74 18.20 -11.79
C ASP A 364 39.81 18.28 -10.71
N ILE A 365 39.83 17.28 -9.84
CA ILE A 365 40.79 17.30 -8.75
C ILE A 365 42.02 16.51 -9.14
N GLU A 366 42.14 16.15 -10.42
CA GLU A 366 43.44 15.73 -10.91
C GLU A 366 44.39 16.92 -11.05
N ASN A 367 43.86 18.13 -11.14
CA ASN A 367 44.65 19.36 -11.10
C ASN A 367 44.67 19.97 -9.71
N LEU A 368 44.68 19.14 -8.68
CA LEU A 368 44.82 19.61 -7.31
C LEU A 368 46.07 19.00 -6.71
N LYS A 369 46.91 19.83 -6.10
CA LYS A 369 48.12 19.31 -5.47
C LYS A 369 47.79 18.71 -4.11
N ASP A 370 48.17 17.43 -3.95
CA ASP A 370 47.80 16.58 -2.81
C ASP A 370 46.28 16.54 -2.65
N ALA A 371 45.63 15.95 -3.65
CA ALA A 371 44.18 16.07 -3.77
C ALA A 371 43.44 15.25 -2.73
N SER A 372 43.97 14.08 -2.37
CA SER A 372 43.25 13.24 -1.41
C SER A 372 43.36 13.74 0.02
N SER A 373 44.13 14.80 0.27
CA SER A 373 44.21 15.36 1.60
C SER A 373 43.17 16.44 1.84
N PHE A 374 42.94 17.30 0.86
CA PHE A 374 42.04 18.42 1.09
C PHE A 374 40.59 18.01 1.13
N LEU A 375 40.26 16.85 0.56
CA LEU A 375 38.87 16.42 0.57
C LEU A 375 38.46 15.94 1.95
N ALA A 376 39.36 15.23 2.63
CA ALA A 376 39.05 14.71 3.96
C ALA A 376 38.88 15.82 4.97
N GLU A 377 39.52 16.95 4.74
CA GLU A 377 39.19 18.14 5.50
C GLU A 377 37.81 18.66 5.10
N TRP A 378 37.56 18.78 3.81
CA TRP A 378 36.29 19.28 3.29
C TRP A 378 35.14 18.31 3.52
N GLN A 379 35.43 17.02 3.59
CA GLN A 379 34.44 16.08 4.10
C GLN A 379 34.11 16.40 5.55
N ASN A 380 35.14 16.66 6.36
CA ASN A 380 34.93 16.89 7.79
C ASN A 380 34.29 18.24 8.05
N ILE A 381 34.49 19.21 7.16
CA ILE A 381 33.74 20.45 7.32
C ILE A 381 32.28 20.21 7.02
N THR A 382 32.01 19.43 5.97
CA THR A 382 30.63 19.13 5.58
C THR A 382 29.95 18.25 6.62
N LYS A 383 30.67 17.28 7.15
CA LYS A 383 30.13 16.54 8.29
C LYS A 383 30.19 17.35 9.58
N GLY A 384 31.01 18.39 9.62
CA GLY A 384 31.11 19.25 10.80
C GLY A 384 30.01 20.27 10.92
N PHE A 385 29.03 20.25 10.02
CA PHE A 385 27.86 21.08 10.20
C PHE A 385 26.57 20.29 10.24
N SER A 386 26.48 19.17 9.52
CA SER A 386 25.33 18.29 9.60
C SER A 386 25.77 16.91 9.16
N GLU A 387 24.79 16.05 8.86
CA GLU A 387 25.08 14.74 8.32
C GLU A 387 24.13 14.35 7.20
N ASP A 388 23.23 15.24 6.80
CA ASP A 388 22.48 15.10 5.56
C ASP A 388 23.09 15.94 4.46
N ARG A 389 24.39 16.19 4.53
CA ARG A 389 25.08 17.01 3.55
C ARG A 389 26.23 16.19 2.95
N LEU A 390 26.37 16.25 1.63
CA LEU A 390 27.30 15.37 0.92
C LEU A 390 28.32 16.20 0.17
N LEU A 391 29.32 15.52 -0.38
CA LEU A 391 30.34 16.16 -1.19
C LEU A 391 30.61 15.25 -2.37
N ILE A 392 30.60 15.80 -3.57
CA ILE A 392 30.87 15.05 -4.78
C ILE A 392 32.17 15.58 -5.36
N ALA A 393 33.02 14.69 -5.83
CA ALA A 393 34.27 15.11 -6.43
C ALA A 393 34.37 14.52 -7.82
N GLY A 394 34.85 15.32 -8.77
CA GLY A 394 34.97 14.89 -10.14
C GLY A 394 36.42 14.68 -10.51
N THR A 395 36.63 13.86 -11.54
CA THR A 395 37.96 13.62 -12.09
C THR A 395 37.81 13.17 -13.53
N ASN A 396 38.90 13.23 -14.26
CA ASN A 396 38.90 12.76 -15.64
C ASN A 396 39.49 11.36 -15.76
N SER A 397 39.79 10.73 -14.64
CA SER A 397 40.52 9.49 -14.64
C SER A 397 39.65 8.35 -15.12
N SER A 398 40.31 7.28 -15.53
CA SER A 398 39.66 6.01 -15.78
C SER A 398 40.43 4.87 -15.18
N ASP A 399 41.56 5.14 -14.56
CA ASP A 399 42.37 4.10 -13.95
C ASP A 399 41.85 3.76 -12.58
N LEU A 400 41.81 2.46 -12.28
CA LEU A 400 41.24 2.02 -11.01
C LEU A 400 42.12 2.39 -9.83
N GLN A 401 43.44 2.20 -9.96
CA GLN A 401 44.32 2.47 -8.83
C GLN A 401 44.44 3.95 -8.55
N GLN A 402 44.23 4.78 -9.57
CA GLN A 402 44.21 6.22 -9.34
C GLN A 402 42.97 6.62 -8.54
N ILE A 403 41.85 5.94 -8.77
CA ILE A 403 40.60 6.26 -8.06
C ILE A 403 40.68 5.83 -6.61
N LEU A 404 41.14 4.60 -6.37
CA LEU A 404 41.10 4.03 -5.04
C LEU A 404 42.08 4.72 -4.10
N SER A 405 43.12 5.33 -4.67
CA SER A 405 44.02 6.17 -3.88
C SER A 405 43.29 7.40 -3.35
N LEU A 406 42.37 7.95 -4.11
CA LEU A 406 41.59 9.08 -3.64
C LEU A 406 40.55 8.67 -2.62
N LEU A 407 40.18 7.39 -2.57
CA LEU A 407 39.18 6.90 -1.64
C LEU A 407 39.81 6.16 -0.47
N GLU A 408 41.07 6.45 -0.16
CA GLU A 408 41.77 5.67 0.85
C GLU A 408 41.27 6.03 2.25
N SER A 409 41.53 7.25 2.70
CA SER A 409 41.06 7.65 4.01
C SER A 409 39.60 8.07 3.99
N ASN A 410 39.09 8.48 2.84
CA ASN A 410 37.71 8.91 2.71
C ASN A 410 36.81 7.72 2.40
N LYS A 411 35.64 7.72 2.99
CA LYS A 411 34.71 6.64 2.73
C LYS A 411 33.32 7.14 2.36
N ASP A 412 32.89 8.25 2.94
CA ASP A 412 31.56 8.80 2.65
C ASP A 412 31.65 9.89 1.59
N LEU A 413 32.51 9.70 0.61
CA LEU A 413 32.76 10.65 -0.46
C LEU A 413 32.21 10.06 -1.75
N LEU A 414 31.37 10.82 -2.45
CA LEU A 414 30.96 10.41 -3.78
C LEU A 414 31.98 10.85 -4.79
N LEU A 415 32.34 9.97 -5.69
CA LEU A 415 33.41 10.23 -6.63
C LEU A 415 32.93 9.82 -8.01
N THR A 416 32.66 10.79 -8.85
CA THR A 416 32.36 10.55 -10.25
C THR A 416 33.66 10.57 -11.03
N SER A 417 33.75 9.75 -12.06
CA SER A 417 34.97 9.68 -12.82
C SER A 417 34.62 9.41 -14.26
N SER A 418 35.59 8.91 -15.01
CA SER A 418 35.35 8.40 -16.35
C SER A 418 35.71 6.93 -16.43
N TYR A 419 35.43 6.20 -15.34
CA TYR A 419 35.80 4.80 -15.24
C TYR A 419 35.06 3.94 -16.25
N LEU A 420 33.89 4.36 -16.68
CA LEU A 420 33.13 3.63 -17.67
C LEU A 420 33.15 4.31 -19.02
N SER A 421 34.00 5.32 -19.20
CA SER A 421 33.98 6.09 -20.44
C SER A 421 34.55 5.34 -21.62
N ASP A 422 35.36 4.32 -21.36
CA ASP A 422 35.91 3.50 -22.44
C ASP A 422 34.78 2.71 -23.08
N SER A 423 34.83 2.58 -24.40
CA SER A 423 33.69 2.05 -25.15
C SER A 423 33.51 0.56 -24.89
N GLY A 424 34.49 -0.25 -25.26
CA GLY A 424 34.42 -1.69 -25.02
C GLY A 424 33.38 -2.43 -25.83
N SER A 425 32.10 -2.10 -25.62
CA SER A 425 30.93 -2.61 -26.35
C SER A 425 30.78 -4.13 -26.27
N THR A 426 31.44 -4.77 -25.31
CA THR A 426 31.35 -6.20 -25.10
C THR A 426 30.95 -6.43 -23.65
N GLY A 427 30.00 -7.34 -23.44
CA GLY A 427 29.40 -7.51 -22.13
C GLY A 427 30.34 -8.10 -21.10
N GLU A 428 31.25 -8.98 -21.53
CA GLU A 428 32.19 -9.58 -20.60
C GLU A 428 33.24 -8.57 -20.16
N HIS A 429 33.43 -7.49 -20.93
CA HIS A 429 34.35 -6.45 -20.49
C HIS A 429 33.68 -5.47 -19.55
N THR A 430 32.42 -5.11 -19.81
CA THR A 430 31.71 -4.22 -18.90
C THR A 430 31.43 -4.91 -17.58
N LYS A 431 31.22 -6.22 -17.62
CA LYS A 431 31.16 -7.01 -16.40
C LYS A 431 32.47 -6.98 -15.66
N SER A 432 33.59 -6.95 -16.38
CA SER A 432 34.88 -6.85 -15.73
C SER A 432 35.12 -5.46 -15.18
N LEU A 433 34.45 -4.44 -15.71
CA LEU A 433 34.61 -3.10 -15.14
C LEU A 433 33.85 -2.95 -13.84
N VAL A 434 32.58 -3.37 -13.83
CA VAL A 434 31.70 -3.05 -12.72
C VAL A 434 32.00 -3.91 -11.51
N THR A 435 32.15 -5.22 -11.72
CA THR A 435 32.37 -6.13 -10.60
C THR A 435 33.72 -5.90 -9.93
N GLN A 436 34.73 -5.49 -10.69
CA GLN A 436 35.99 -5.13 -10.07
C GLN A 436 35.89 -3.82 -9.32
N TYR A 437 35.00 -2.93 -9.73
CA TYR A 437 34.86 -1.69 -8.98
C TYR A 437 34.11 -1.93 -7.69
N LEU A 438 33.24 -2.92 -7.67
CA LEU A 438 32.54 -3.26 -6.45
C LEU A 438 33.43 -4.09 -5.54
N ASN A 439 34.18 -5.05 -6.10
CA ASN A 439 35.03 -5.93 -5.30
C ASN A 439 36.17 -5.15 -4.66
N ALA A 440 36.65 -4.11 -5.34
CA ALA A 440 37.72 -3.30 -4.76
C ALA A 440 37.21 -2.49 -3.59
N THR A 441 36.07 -1.83 -3.76
CA THR A 441 35.48 -1.09 -2.65
C THR A 441 34.83 -2.01 -1.64
N GLY A 442 34.55 -3.26 -2.01
CA GLY A 442 33.83 -4.13 -1.11
C GLY A 442 32.34 -4.09 -1.41
N ASN A 443 31.63 -3.21 -0.75
CA ASN A 443 30.21 -3.05 -0.97
C ASN A 443 29.72 -1.63 -0.80
N ARG A 444 30.62 -0.65 -0.78
CA ARG A 444 30.27 0.70 -0.37
C ARG A 444 29.42 1.38 -1.43
N TRP A 445 28.96 2.58 -1.12
CA TRP A 445 27.98 3.23 -1.96
C TRP A 445 28.69 3.96 -3.10
N CYS A 446 28.48 3.49 -4.32
CA CYS A 446 29.16 4.01 -5.49
C CYS A 446 28.41 5.23 -6.02
N SER A 447 28.76 5.67 -7.22
CA SER A 447 27.97 6.68 -7.92
C SER A 447 28.19 6.44 -9.41
N TRP A 448 27.22 5.81 -10.05
CA TRP A 448 27.40 5.33 -11.41
C TRP A 448 27.10 6.44 -12.39
N SER A 449 28.12 6.87 -13.12
CA SER A 449 27.97 7.82 -14.19
C SER A 449 29.15 7.63 -15.13
N LEU A 450 28.94 7.90 -16.41
CA LEU A 450 30.01 7.68 -17.36
C LEU A 450 31.08 8.77 -17.27
N SER A 451 30.69 9.99 -16.96
CA SER A 451 31.62 11.11 -17.03
C SER A 451 31.32 12.08 -15.92
N GLN A 452 32.25 12.98 -15.67
CA GLN A 452 32.05 13.97 -14.65
C GLN A 452 31.21 15.16 -15.09
N ALA A 453 31.21 15.49 -16.39
CA ALA A 453 30.41 16.61 -16.85
C ALA A 453 29.68 16.32 -18.15
N ARG A 454 30.25 15.43 -18.98
CA ARG A 454 29.76 15.29 -20.33
C ARG A 454 28.52 14.40 -20.39
N LEU A 455 27.85 14.44 -21.53
CA LEU A 455 26.60 13.72 -21.76
C LEU A 455 26.88 12.25 -22.01
N LEU A 456 25.81 11.45 -22.03
CA LEU A 456 26.00 10.05 -22.41
C LEU A 456 26.26 9.92 -23.90
N THR A 457 25.71 10.83 -24.70
CA THR A 457 25.80 10.70 -26.15
C THR A 457 27.19 10.98 -26.67
N SER A 458 28.03 11.67 -25.90
CA SER A 458 29.37 12.00 -26.35
C SER A 458 30.26 10.78 -26.47
N PHE A 459 29.93 9.70 -25.78
CA PHE A 459 30.76 8.52 -25.77
C PHE A 459 30.10 7.33 -26.44
N LEU A 460 28.85 7.48 -26.87
CA LEU A 460 28.04 6.34 -27.26
C LEU A 460 27.36 6.59 -28.60
N PRO A 461 27.09 5.54 -29.35
CA PRO A 461 26.17 5.67 -30.47
C PRO A 461 24.73 5.68 -29.98
N ALA A 462 23.83 6.09 -30.86
CA ALA A 462 22.46 6.33 -30.47
C ALA A 462 21.64 5.07 -30.28
N GLN A 463 22.17 3.89 -30.59
CA GLN A 463 21.46 2.66 -30.33
C GLN A 463 21.83 2.02 -29.00
N LEU A 464 22.80 2.59 -28.29
CA LEU A 464 23.16 2.12 -26.96
C LEU A 464 22.65 3.01 -25.85
N LEU A 465 21.92 4.08 -26.16
CA LEU A 465 21.50 4.99 -25.11
C LEU A 465 20.37 4.42 -24.29
N ARG A 466 19.48 3.66 -24.91
CA ARG A 466 18.43 2.96 -24.17
C ARG A 466 18.95 1.78 -23.39
N LEU A 467 20.24 1.48 -23.51
CA LEU A 467 20.81 0.28 -22.92
C LEU A 467 21.74 0.60 -21.76
N TYR A 468 22.46 1.70 -21.80
CA TYR A 468 23.20 2.09 -20.62
C TYR A 468 22.31 2.68 -19.54
N GLN A 469 21.18 3.26 -19.95
CA GLN A 469 20.28 3.90 -19.01
C GLN A 469 19.80 2.92 -17.96
N LEU A 470 19.25 1.81 -18.42
CA LEU A 470 18.71 0.81 -17.53
C LEU A 470 19.79 0.29 -16.58
N MET A 471 20.98 0.03 -17.12
CA MET A 471 22.08 -0.45 -16.31
C MET A 471 22.42 0.59 -15.25
N LEU A 472 22.44 1.88 -15.63
CA LEU A 472 22.72 2.93 -14.66
C LEU A 472 21.68 2.95 -13.57
N PHE A 473 20.41 2.72 -13.92
CA PHE A 473 19.36 2.70 -12.91
C PHE A 473 19.32 1.43 -12.07
N THR A 474 20.04 0.38 -12.45
CA THR A 474 19.96 -0.83 -11.64
C THR A 474 21.17 -1.19 -10.76
N LEU A 475 22.35 -0.69 -11.11
CA LEU A 475 23.58 -0.96 -10.41
C LEU A 475 23.53 -0.29 -9.04
N PRO A 476 24.18 -0.88 -8.04
CA PRO A 476 24.06 -0.34 -6.69
C PRO A 476 24.82 0.96 -6.50
N GLY A 477 24.10 2.07 -6.51
CA GLY A 477 24.71 3.36 -6.30
C GLY A 477 23.74 4.44 -6.73
N THR A 478 24.22 5.67 -6.64
CA THR A 478 23.44 6.83 -7.00
C THR A 478 23.75 7.20 -8.44
N PRO A 479 22.86 6.98 -9.40
CA PRO A 479 23.15 7.38 -10.78
C PRO A 479 23.16 8.88 -10.89
N VAL A 480 24.14 9.41 -11.62
CA VAL A 480 24.23 10.84 -11.84
C VAL A 480 24.15 11.09 -13.34
N PHE A 481 23.23 11.94 -13.76
CA PHE A 481 23.03 12.25 -15.17
C PHE A 481 23.26 13.72 -15.44
N SER A 482 23.54 14.05 -16.69
CA SER A 482 23.61 15.42 -17.13
C SER A 482 22.32 15.75 -17.86
N TYR A 483 22.10 17.04 -18.11
CA TYR A 483 20.82 17.44 -18.66
C TYR A 483 20.75 17.08 -20.13
N GLY A 484 19.65 16.50 -20.54
CA GLY A 484 19.53 16.03 -21.88
C GLY A 484 19.91 14.58 -22.08
N ASP A 485 20.36 13.92 -21.03
CA ASP A 485 20.64 12.50 -21.14
C ASP A 485 19.39 11.64 -21.07
N GLU A 486 18.24 12.25 -20.80
CA GLU A 486 16.99 11.52 -20.83
C GLU A 486 16.28 11.63 -22.16
N ILE A 487 16.59 12.65 -22.95
CA ILE A 487 16.01 12.84 -24.27
C ILE A 487 17.01 12.55 -25.36
N GLY A 488 18.20 12.06 -25.01
CA GLY A 488 19.21 11.72 -25.98
C GLY A 488 19.75 12.93 -26.68
N LEU A 489 20.06 13.96 -25.91
CA LEU A 489 20.60 15.20 -26.48
C LEU A 489 22.01 14.94 -26.98
N ASP A 490 22.18 14.97 -28.31
CA ASP A 490 23.48 14.90 -28.94
C ASP A 490 23.82 16.27 -29.48
N ALA A 491 25.07 16.67 -29.30
CA ALA A 491 25.53 17.92 -29.87
C ALA A 491 26.02 17.76 -31.31
N ALA A 492 26.45 16.57 -31.69
CA ALA A 492 26.97 16.36 -33.04
C ALA A 492 25.87 16.29 -34.09
N ALA A 493 24.65 15.96 -33.70
CA ALA A 493 23.52 15.93 -34.60
C ALA A 493 22.92 17.30 -34.84
N LEU A 494 23.51 18.35 -34.28
CA LEU A 494 23.00 19.70 -34.42
C LEU A 494 24.21 20.64 -34.51
N PRO A 495 24.61 21.03 -35.70
CA PRO A 495 25.79 21.89 -35.84
C PRO A 495 25.49 23.32 -35.40
N GLY A 496 26.57 24.10 -35.29
CA GLY A 496 26.45 25.47 -34.85
C GLY A 496 26.12 25.54 -33.37
N GLN A 497 26.97 24.92 -32.54
CA GLN A 497 26.66 24.68 -31.15
C GLN A 497 27.95 24.34 -30.42
N PRO A 498 28.04 24.72 -29.14
CA PRO A 498 29.21 24.45 -28.29
C PRO A 498 29.09 23.03 -27.74
N MET A 499 30.10 22.20 -27.97
CA MET A 499 30.05 20.83 -27.49
C MET A 499 29.96 20.77 -25.97
N GLU A 500 30.70 21.64 -25.30
CA GLU A 500 30.72 21.64 -23.84
C GLU A 500 29.35 21.95 -23.24
N ALA A 501 28.63 22.89 -23.84
CA ALA A 501 27.31 23.27 -23.35
C ALA A 501 26.32 23.37 -24.49
N PRO A 502 25.48 22.33 -24.63
CA PRO A 502 24.48 22.26 -25.70
C PRO A 502 23.24 23.08 -25.40
N VAL A 503 22.31 23.09 -26.33
CA VAL A 503 21.08 23.84 -26.15
C VAL A 503 19.97 22.87 -25.84
N MET A 504 19.26 23.09 -24.74
CA MET A 504 18.16 22.22 -24.38
C MET A 504 17.11 22.37 -25.48
N LEU A 505 16.56 21.25 -25.92
CA LEU A 505 15.56 21.29 -26.98
C LEU A 505 14.18 21.05 -26.41
N TRP A 506 13.57 22.08 -25.83
CA TRP A 506 12.24 21.83 -25.28
C TRP A 506 11.25 21.47 -26.38
N ASP A 507 11.13 22.32 -27.39
CA ASP A 507 10.17 22.13 -28.46
C ASP A 507 10.80 22.64 -29.75
N GLU A 508 9.96 22.89 -30.76
CA GLU A 508 10.48 23.27 -32.07
C GLU A 508 11.12 24.65 -32.06
N SER A 509 10.70 25.53 -31.16
CA SER A 509 11.26 26.86 -31.08
C SER A 509 12.37 26.95 -30.05
N SER A 510 13.08 25.84 -29.82
CA SER A 510 14.13 25.83 -28.82
C SER A 510 15.51 26.15 -29.39
N PHE A 511 15.67 26.05 -30.70
CA PHE A 511 16.93 26.34 -31.37
C PHE A 511 16.69 27.50 -32.33
N PRO A 512 16.80 28.74 -31.85
CA PRO A 512 16.48 29.90 -32.70
C PRO A 512 17.56 30.27 -33.69
N ASP A 513 18.70 29.57 -33.69
CA ASP A 513 19.78 29.92 -34.59
C ASP A 513 19.45 29.49 -36.02
N ILE A 514 19.23 28.21 -36.23
CA ILE A 514 18.87 27.68 -37.55
C ILE A 514 17.41 27.27 -37.50
N PRO A 515 16.56 27.78 -38.37
CA PRO A 515 15.19 27.28 -38.46
C PRO A 515 15.15 25.92 -39.13
N GLY A 516 14.21 25.09 -38.68
CA GLY A 516 13.95 23.83 -39.34
C GLY A 516 15.00 22.75 -39.15
N ALA A 517 15.97 22.97 -38.26
CA ALA A 517 17.02 21.98 -38.04
C ALA A 517 16.64 20.91 -37.03
N VAL A 518 15.48 21.03 -36.38
CA VAL A 518 15.07 20.15 -35.30
C VAL A 518 13.84 19.39 -35.76
N SER A 519 13.87 18.07 -35.65
CA SER A 519 12.72 17.26 -35.98
C SER A 519 11.77 17.22 -34.79
N ALA A 520 10.72 16.42 -34.93
CA ALA A 520 9.68 16.37 -33.92
C ALA A 520 9.90 15.34 -32.84
N ASN A 521 10.71 14.34 -33.16
CA ASN A 521 10.98 13.29 -32.19
C ASN A 521 12.29 13.53 -31.42
N MET A 522 12.83 14.73 -31.61
CA MET A 522 14.05 15.22 -30.97
C MET A 522 13.85 16.24 -29.85
N THR A 523 12.62 16.46 -29.39
CA THR A 523 12.38 17.49 -28.36
C THR A 523 11.72 17.02 -27.06
N VAL A 524 11.78 17.85 -26.01
CA VAL A 524 11.14 17.47 -24.76
C VAL A 524 9.63 17.33 -24.97
N LYS A 525 9.03 18.34 -25.61
CA LYS A 525 7.60 18.39 -25.80
C LYS A 525 7.12 17.32 -26.76
N GLY A 526 7.94 16.96 -27.73
CA GLY A 526 7.56 15.89 -28.65
C GLY A 526 7.70 14.51 -28.07
N GLN A 527 8.64 14.31 -27.17
CA GLN A 527 8.85 13.01 -26.55
C GLN A 527 8.08 12.86 -25.25
N SER A 528 7.40 13.90 -24.79
CA SER A 528 6.62 13.82 -23.57
C SER A 528 5.31 13.06 -23.76
N GLU A 529 4.98 12.66 -24.99
CA GLU A 529 3.71 12.03 -25.30
C GLU A 529 3.83 10.60 -25.80
N ASP A 530 4.96 10.23 -26.39
CA ASP A 530 5.14 8.90 -26.93
C ASP A 530 5.40 7.92 -25.79
N PRO A 531 4.68 6.81 -25.70
CA PRO A 531 5.05 5.78 -24.72
C PRO A 531 6.29 5.01 -25.09
N GLY A 532 6.77 5.12 -26.32
CA GLY A 532 7.99 4.44 -26.71
C GLY A 532 9.25 5.27 -26.73
N SER A 533 9.16 6.56 -26.41
CA SER A 533 10.29 7.47 -26.57
C SER A 533 11.32 7.25 -25.45
N LEU A 534 12.47 7.89 -25.63
CA LEU A 534 13.57 7.69 -24.71
C LEU A 534 13.33 8.39 -23.38
N LEU A 535 12.65 9.53 -23.39
CA LEU A 535 12.22 10.15 -22.14
C LEU A 535 11.16 9.30 -21.45
N SER A 536 10.39 8.55 -22.21
CA SER A 536 9.40 7.67 -21.61
C SER A 536 10.05 6.46 -20.96
N LEU A 537 11.25 6.09 -21.39
CA LEU A 537 11.98 5.04 -20.71
C LEU A 537 12.53 5.53 -19.38
N PHE A 538 12.82 6.82 -19.31
CA PHE A 538 13.47 7.39 -18.14
C PHE A 538 12.50 7.53 -16.99
N ARG A 539 11.26 7.94 -17.26
CA ARG A 539 10.29 8.06 -16.19
C ARG A 539 9.76 6.72 -15.72
N ARG A 540 9.93 5.66 -16.50
CA ARG A 540 9.52 4.35 -16.02
C ARG A 540 10.56 3.75 -15.11
N LEU A 541 11.82 4.11 -15.27
CA LEU A 541 12.84 3.59 -14.37
C LEU A 541 12.95 4.44 -13.11
N SER A 542 12.95 5.76 -13.27
CA SER A 542 13.03 6.66 -12.12
C SER A 542 11.81 6.57 -11.23
N ASP A 543 10.68 6.10 -11.75
CA ASP A 543 9.59 5.67 -10.90
C ASP A 543 9.98 4.45 -10.09
N GLN A 544 10.35 3.36 -10.77
CA GLN A 544 10.67 2.10 -10.13
C GLN A 544 11.94 2.14 -9.31
N ARG A 545 12.82 3.11 -9.56
CA ARG A 545 14.05 3.22 -8.78
C ARG A 545 13.75 3.64 -7.35
N SER A 546 13.13 4.79 -7.17
CA SER A 546 12.87 5.23 -5.80
C SER A 546 11.50 4.81 -5.32
N LYS A 547 11.12 3.58 -5.58
CA LYS A 547 10.00 2.97 -4.87
C LYS A 547 10.19 1.51 -4.53
N GLU A 548 11.02 0.77 -5.25
CA GLU A 548 11.21 -0.64 -5.00
C GLU A 548 12.31 -0.78 -3.97
N ARG A 549 12.00 -1.43 -2.85
CA ARG A 549 12.94 -1.52 -1.76
C ARG A 549 14.09 -2.47 -2.09
N SER A 550 13.94 -3.28 -3.12
CA SER A 550 15.08 -4.02 -3.67
C SER A 550 16.06 -3.08 -4.34
N LEU A 551 15.58 -2.25 -5.27
CA LEU A 551 16.47 -1.43 -6.08
C LEU A 551 17.15 -0.34 -5.30
N LEU A 552 16.55 0.12 -4.20
CA LEU A 552 17.19 1.17 -3.41
C LEU A 552 18.43 0.63 -2.70
N HIS A 553 18.24 -0.33 -1.82
CA HIS A 553 19.33 -0.80 -0.99
C HIS A 553 19.40 -2.31 -0.97
N GLY A 554 19.35 -2.92 -2.11
CA GLY A 554 19.50 -4.34 -2.15
C GLY A 554 20.92 -4.75 -2.40
N ASP A 555 21.23 -5.97 -1.97
CA ASP A 555 22.49 -6.57 -2.30
C ASP A 555 22.53 -6.92 -3.78
N PHE A 556 23.73 -7.17 -4.27
CA PHE A 556 23.98 -7.25 -5.69
C PHE A 556 24.75 -8.52 -5.99
N HIS A 557 24.31 -9.28 -6.98
CA HIS A 557 25.06 -10.45 -7.41
C HIS A 557 24.87 -10.62 -8.90
N ALA A 558 25.93 -10.40 -9.65
CA ALA A 558 25.96 -10.76 -11.06
C ALA A 558 26.41 -12.19 -11.21
N PHE A 559 26.03 -12.80 -12.32
CA PHE A 559 26.37 -14.18 -12.57
C PHE A 559 26.66 -14.38 -14.04
N SER A 560 27.17 -15.55 -14.38
CA SER A 560 27.64 -15.83 -15.72
C SER A 560 26.48 -16.04 -16.68
N ALA A 561 26.70 -15.65 -17.93
CA ALA A 561 25.69 -15.73 -18.97
C ALA A 561 26.41 -15.96 -20.28
N GLY A 562 25.75 -15.66 -21.39
CA GLY A 562 26.32 -15.84 -22.71
C GLY A 562 27.47 -14.88 -23.03
N PRO A 563 27.92 -14.91 -24.28
CA PRO A 563 29.13 -14.13 -24.63
C PRO A 563 28.92 -12.63 -24.65
N GLY A 564 27.77 -12.16 -25.13
CA GLY A 564 27.52 -10.73 -25.16
C GLY A 564 26.48 -10.27 -24.14
N LEU A 565 26.51 -10.86 -22.95
CA LEU A 565 25.50 -10.57 -21.96
C LEU A 565 26.13 -10.01 -20.70
N PHE A 566 25.43 -9.07 -20.08
CA PHE A 566 25.73 -8.63 -18.71
C PHE A 566 24.46 -8.82 -17.90
N SER A 567 24.48 -9.76 -16.98
CA SER A 567 23.30 -10.19 -16.26
C SER A 567 23.53 -10.16 -14.76
N TYR A 568 22.52 -9.73 -14.03
CA TYR A 568 22.67 -9.54 -12.59
C TYR A 568 21.31 -9.50 -11.93
N ILE A 569 21.32 -9.63 -10.61
CA ILE A 569 20.14 -9.70 -9.78
C ILE A 569 20.30 -8.72 -8.64
N ARG A 570 19.33 -7.83 -8.45
CA ARG A 570 19.25 -7.02 -7.25
C ARG A 570 18.19 -7.62 -6.33
N HIS A 571 18.50 -7.75 -5.05
CA HIS A 571 17.53 -8.33 -4.14
C HIS A 571 17.69 -7.82 -2.73
N TRP A 572 16.62 -7.33 -2.15
CA TRP A 572 16.55 -7.15 -0.71
C TRP A 572 15.84 -8.38 -0.15
N ASP A 573 15.55 -8.38 1.15
CA ASP A 573 15.28 -9.57 1.95
C ASP A 573 14.12 -10.41 1.43
N GLN A 574 12.91 -9.88 1.50
CA GLN A 574 11.74 -10.60 1.02
C GLN A 574 10.91 -9.78 0.05
N ASN A 575 11.45 -8.68 -0.46
CA ASN A 575 10.75 -7.84 -1.40
C ASN A 575 10.89 -8.40 -2.80
N GLU A 576 10.34 -7.68 -3.78
CA GLU A 576 10.29 -8.12 -5.16
C GLU A 576 11.70 -8.15 -5.74
N ARG A 577 12.22 -9.34 -6.00
CA ARG A 577 13.51 -9.48 -6.64
C ARG A 577 13.45 -8.99 -8.09
N PHE A 578 14.61 -8.70 -8.66
CA PHE A 578 14.73 -8.18 -10.01
C PHE A 578 15.79 -8.94 -10.77
N LEU A 579 15.78 -8.79 -12.09
CA LEU A 579 16.73 -9.48 -12.95
C LEU A 579 16.89 -8.66 -14.21
N VAL A 580 18.11 -8.25 -14.51
CA VAL A 580 18.40 -7.45 -15.68
C VAL A 580 19.29 -8.26 -16.61
N VAL A 581 18.92 -8.36 -17.88
CA VAL A 581 19.72 -9.04 -18.89
C VAL A 581 19.97 -8.07 -20.02
N LEU A 582 21.24 -7.87 -20.38
CA LEU A 582 21.65 -6.81 -21.28
C LEU A 582 22.39 -7.40 -22.47
N ASN A 583 22.17 -6.83 -23.65
CA ASN A 583 22.78 -7.33 -24.88
C ASN A 583 23.68 -6.27 -25.48
N PHE A 584 24.96 -6.34 -25.20
CA PHE A 584 25.93 -5.44 -25.80
C PHE A 584 26.43 -5.92 -27.15
N GLY A 585 25.92 -7.04 -27.65
CA GLY A 585 26.34 -7.55 -28.94
C GLY A 585 25.25 -7.45 -29.99
N ASP A 586 25.64 -7.35 -31.26
CA ASP A 586 24.69 -7.17 -32.35
C ASP A 586 24.22 -8.47 -32.97
N VAL A 587 24.21 -9.56 -32.21
CA VAL A 587 23.73 -10.85 -32.68
C VAL A 587 22.57 -11.25 -31.78
N GLY A 588 21.47 -11.71 -32.37
CA GLY A 588 20.35 -12.20 -31.61
C GLY A 588 20.70 -13.45 -30.84
N LEU A 589 20.83 -13.32 -29.53
CA LEU A 589 21.34 -14.39 -28.69
C LEU A 589 20.23 -14.97 -27.83
N SER A 590 20.55 -16.10 -27.20
CA SER A 590 19.70 -16.73 -26.20
C SER A 590 20.24 -16.42 -24.82
N ALA A 591 19.48 -16.82 -23.81
CA ALA A 591 19.85 -16.49 -22.43
C ALA A 591 21.00 -17.35 -21.94
N GLY A 592 20.79 -18.67 -21.87
CA GLY A 592 21.78 -19.54 -21.29
C GLY A 592 22.04 -19.30 -19.82
N LEU A 593 21.02 -18.84 -19.08
CA LEU A 593 21.20 -18.44 -17.70
C LEU A 593 21.29 -19.67 -16.82
N GLN A 594 22.48 -19.92 -16.27
CA GLN A 594 22.68 -20.94 -15.25
C GLN A 594 23.21 -20.25 -14.01
N ALA A 595 22.49 -20.39 -12.89
CA ALA A 595 22.89 -19.67 -11.68
C ALA A 595 24.08 -20.35 -11.01
N SER A 596 23.86 -21.55 -10.43
CA SER A 596 24.88 -22.45 -9.90
C SER A 596 25.76 -21.90 -8.76
N ASP A 597 25.61 -20.63 -8.42
CA ASP A 597 26.38 -20.01 -7.35
C ASP A 597 25.53 -19.06 -6.52
N LEU A 598 24.34 -18.69 -6.97
CA LEU A 598 23.48 -17.77 -6.27
C LEU A 598 23.02 -18.40 -4.96
N PRO A 599 22.83 -17.61 -3.91
CA PRO A 599 22.49 -18.18 -2.60
C PRO A 599 21.09 -18.76 -2.53
N ALA A 600 20.71 -19.24 -1.33
CA ALA A 600 19.41 -19.87 -1.16
C ALA A 600 18.29 -18.87 -1.29
N SER A 601 18.51 -17.62 -0.88
CA SER A 601 17.48 -16.61 -1.02
C SER A 601 17.33 -16.13 -2.45
N ALA A 602 18.37 -16.25 -3.27
CA ALA A 602 18.37 -15.70 -4.62
C ALA A 602 18.32 -16.79 -5.68
N SER A 603 17.74 -17.93 -5.36
CA SER A 603 17.58 -18.98 -6.36
C SER A 603 16.48 -18.59 -7.33
N LEU A 604 16.67 -18.97 -8.58
CA LEU A 604 15.79 -18.48 -9.64
C LEU A 604 14.67 -19.46 -9.92
N PRO A 605 13.49 -18.98 -10.30
CA PRO A 605 12.45 -19.89 -10.81
C PRO A 605 12.71 -20.25 -12.26
N ALA A 606 11.79 -20.97 -12.89
CA ALA A 606 11.88 -21.20 -14.33
C ALA A 606 11.05 -20.17 -15.09
N LYS A 607 9.82 -19.96 -14.67
CA LYS A 607 8.99 -18.89 -15.20
C LYS A 607 9.26 -17.62 -14.42
N ALA A 608 9.29 -16.49 -15.13
CA ALA A 608 9.59 -15.22 -14.49
C ALA A 608 8.86 -14.11 -15.25
N ASP A 609 8.31 -13.16 -14.50
CA ASP A 609 7.49 -12.12 -15.09
C ASP A 609 8.36 -11.12 -15.84
N LEU A 610 7.72 -10.29 -16.64
CA LEU A 610 8.39 -9.20 -17.33
C LEU A 610 7.86 -7.90 -16.75
N LEU A 611 8.70 -6.88 -16.72
CA LEU A 611 8.24 -5.53 -16.42
C LEU A 611 8.27 -4.65 -17.64
N LEU A 612 9.41 -4.60 -18.34
CA LEU A 612 9.51 -3.86 -19.58
C LEU A 612 10.69 -4.37 -20.38
N SER A 613 10.81 -3.86 -21.60
CA SER A 613 11.93 -4.14 -22.48
C SER A 613 12.34 -2.85 -23.16
N THR A 614 13.62 -2.76 -23.50
CA THR A 614 14.15 -1.55 -24.11
C THR A 614 13.63 -1.36 -25.52
N GLN A 615 13.92 -2.29 -26.40
CA GLN A 615 13.35 -2.25 -27.74
C GLN A 615 11.89 -2.65 -27.67
N PRO A 616 10.99 -1.89 -28.28
CA PRO A 616 9.57 -2.24 -28.21
C PRO A 616 9.25 -3.44 -29.08
N GLY A 617 8.18 -4.14 -28.72
CA GLY A 617 7.85 -5.36 -29.41
C GLY A 617 7.86 -6.57 -28.51
N ARG A 618 7.45 -6.39 -27.25
CA ARG A 618 7.26 -7.48 -26.31
C ARG A 618 5.89 -7.40 -25.67
N GLU A 619 5.52 -8.46 -24.96
CA GLU A 619 4.30 -8.48 -24.16
C GLU A 619 4.69 -8.09 -22.74
N GLU A 620 4.49 -6.83 -22.39
CA GLU A 620 4.94 -6.31 -21.11
C GLU A 620 4.00 -6.79 -20.02
N GLY A 621 4.28 -7.98 -19.50
CA GLY A 621 3.48 -8.55 -18.44
C GLY A 621 3.41 -10.05 -18.53
N SER A 622 3.75 -10.57 -19.69
CA SER A 622 3.69 -12.00 -19.92
C SER A 622 4.83 -12.70 -19.19
N PRO A 623 4.55 -13.70 -18.36
CA PRO A 623 5.63 -14.34 -17.60
C PRO A 623 6.56 -15.18 -18.46
N LEU A 624 7.76 -14.63 -18.70
CA LEU A 624 8.71 -15.27 -19.59
C LEU A 624 9.34 -16.48 -18.92
N GLU A 625 10.01 -17.28 -19.74
CA GLU A 625 10.65 -18.50 -19.29
C GLU A 625 12.13 -18.46 -19.61
N LEU A 626 12.94 -18.74 -18.60
CA LEU A 626 14.35 -18.38 -18.63
C LEU A 626 15.16 -19.29 -19.55
N GLU A 627 14.84 -20.58 -19.59
CA GLU A 627 15.53 -21.47 -20.51
C GLU A 627 15.11 -21.26 -21.96
N ARG A 628 13.92 -20.74 -22.19
CA ARG A 628 13.42 -20.43 -23.54
C ARG A 628 13.46 -18.94 -23.79
N LEU A 629 14.53 -18.28 -23.34
CA LEU A 629 14.64 -16.83 -23.43
C LEU A 629 15.68 -16.45 -24.48
N LYS A 630 15.24 -15.75 -25.50
CA LYS A 630 16.13 -15.22 -26.52
C LYS A 630 16.09 -13.70 -26.51
N LEU A 631 17.09 -13.11 -27.14
CA LEU A 631 17.25 -11.65 -27.19
C LEU A 631 17.43 -11.20 -28.63
N GLU A 632 17.18 -9.94 -28.84
CA GLU A 632 17.43 -9.25 -30.08
C GLU A 632 18.76 -8.53 -30.00
N PRO A 633 19.35 -8.15 -31.15
CA PRO A 633 20.56 -7.31 -31.12
C PRO A 633 20.31 -5.96 -30.47
N HIS A 634 21.06 -5.71 -29.39
CA HIS A 634 21.01 -4.51 -28.56
C HIS A 634 19.62 -4.28 -27.97
N GLU A 635 19.18 -5.23 -27.14
CA GLU A 635 17.95 -5.08 -26.39
C GLU A 635 18.17 -5.59 -24.98
N GLY A 636 17.76 -4.81 -23.99
CA GLY A 636 17.88 -5.18 -22.60
C GLY A 636 16.52 -5.46 -21.98
N LEU A 637 16.51 -6.24 -20.91
CA LEU A 637 15.28 -6.68 -20.30
C LEU A 637 15.29 -6.39 -18.81
N LEU A 638 14.18 -5.87 -18.29
CA LEU A 638 13.99 -5.77 -16.86
C LEU A 638 12.87 -6.74 -16.50
N LEU A 639 13.23 -7.93 -16.08
CA LEU A 639 12.29 -8.86 -15.51
C LEU A 639 12.13 -8.57 -14.03
N ARG A 640 11.17 -9.25 -13.40
CA ARG A 640 11.09 -9.27 -11.94
C ARG A 640 10.38 -10.54 -11.52
N PHE A 641 10.72 -11.03 -10.33
CA PHE A 641 10.13 -12.27 -9.87
C PHE A 641 9.99 -12.19 -8.36
N PRO A 642 8.88 -12.62 -7.80
CA PRO A 642 8.63 -12.38 -6.38
C PRO A 642 9.42 -13.34 -5.49
N TYR A 643 9.44 -13.01 -4.20
CA TYR A 643 10.15 -13.83 -3.23
C TYR A 643 9.41 -15.14 -3.01
N ALA A 644 10.12 -16.24 -3.17
CA ALA A 644 9.54 -17.55 -2.94
C ALA A 644 10.66 -18.51 -2.54
N ALA A 645 10.29 -19.73 -2.20
CA ALA A 645 11.25 -20.77 -1.84
C ALA A 645 10.66 -22.16 -2.10
N THR B 71 -32.04 12.35 26.13
CA THR B 71 -32.96 12.31 24.99
C THR B 71 -32.24 11.74 23.78
N LEU B 72 -32.09 12.57 22.74
CA LEU B 72 -31.35 12.15 21.55
C LEU B 72 -29.85 12.29 21.74
N LEU B 73 -29.42 13.11 22.70
CA LEU B 73 -28.00 13.27 22.96
C LEU B 73 -27.39 12.00 23.52
N ASN B 74 -28.18 11.20 24.24
CA ASN B 74 -27.77 9.83 24.53
C ASN B 74 -28.20 8.86 23.44
N GLY B 75 -28.95 9.32 22.45
CA GLY B 75 -29.41 8.45 21.39
C GLY B 75 -28.45 8.40 20.22
N VAL B 76 -27.70 9.49 20.01
CA VAL B 76 -26.71 9.52 18.93
C VAL B 76 -25.56 8.59 19.25
N ALA B 77 -25.15 8.52 20.52
CA ALA B 77 -23.90 7.87 20.88
C ALA B 77 -23.97 6.36 20.71
N ILE B 78 -25.15 5.77 20.85
CA ILE B 78 -25.26 4.33 20.68
C ILE B 78 -25.42 4.00 19.20
N ILE B 79 -25.89 4.97 18.40
CA ILE B 79 -25.92 4.79 16.96
C ILE B 79 -24.49 4.77 16.41
N VAL B 80 -23.62 5.61 16.97
CA VAL B 80 -22.21 5.61 16.59
C VAL B 80 -21.51 4.35 17.13
N GLY B 81 -22.08 3.74 18.16
CA GLY B 81 -21.40 2.61 18.79
C GLY B 81 -21.51 1.32 17.99
N THR B 82 -22.59 1.20 17.23
CA THR B 82 -22.80 0.02 16.43
C THR B 82 -21.76 0.00 15.32
N ILE B 83 -21.54 1.17 14.72
CA ILE B 83 -20.57 1.34 13.64
C ILE B 83 -19.16 1.63 14.17
N ILE B 84 -18.27 1.99 13.26
CA ILE B 84 -16.88 2.29 13.58
C ILE B 84 -16.25 1.13 14.33
N GLY B 85 -16.30 -0.04 13.72
CA GLY B 85 -15.69 -1.20 14.34
C GLY B 85 -14.22 -1.31 13.97
N SER B 86 -13.92 -2.26 13.11
CA SER B 86 -12.56 -2.49 12.66
C SER B 86 -12.38 -2.42 11.16
N GLY B 87 -13.39 -1.98 10.42
CA GLY B 87 -13.21 -1.80 9.00
C GLY B 87 -12.29 -0.66 8.67
N ILE B 88 -12.23 0.33 9.57
CA ILE B 88 -11.37 1.49 9.38
C ILE B 88 -9.89 1.15 9.49
N PHE B 89 -9.55 0.00 10.08
CA PHE B 89 -8.15 -0.36 10.22
C PHE B 89 -7.68 -1.32 9.15
N VAL B 90 -8.50 -1.55 8.13
CA VAL B 90 -8.12 -2.42 7.04
C VAL B 90 -8.18 -1.64 5.75
N THR B 91 -9.39 -1.21 5.42
CA THR B 91 -9.85 -0.56 4.20
C THR B 91 -8.99 0.60 3.64
N PRO B 92 -8.32 1.45 4.43
CA PRO B 92 -7.47 2.47 3.79
C PRO B 92 -6.29 1.95 3.00
N THR B 93 -5.94 0.66 3.12
CA THR B 93 -5.02 0.09 2.14
C THR B 93 -5.79 -0.56 1.00
N GLY B 94 -7.10 -0.68 1.14
CA GLY B 94 -7.89 -1.29 0.10
C GLY B 94 -8.49 -0.27 -0.85
N VAL B 95 -8.98 0.85 -0.32
CA VAL B 95 -9.49 1.90 -1.19
C VAL B 95 -8.33 2.65 -1.84
N LEU B 96 -7.16 2.66 -1.21
CA LEU B 96 -6.03 3.34 -1.81
C LEU B 96 -5.41 2.45 -2.89
N LYS B 97 -5.64 1.15 -2.79
CA LYS B 97 -5.09 0.23 -3.78
C LYS B 97 -5.86 0.31 -5.08
N GLU B 98 -7.16 0.50 -5.01
CA GLU B 98 -8.02 0.44 -6.18
C GLU B 98 -8.44 1.80 -6.70
N ALA B 99 -7.82 2.88 -6.22
CA ALA B 99 -8.17 4.20 -6.70
C ALA B 99 -6.95 5.05 -7.06
N GLY B 100 -5.74 4.52 -6.89
CA GLY B 100 -4.59 5.33 -7.22
C GLY B 100 -4.37 6.44 -6.22
N SER B 101 -4.83 7.64 -6.60
CA SER B 101 -4.67 8.86 -5.83
C SER B 101 -5.20 8.74 -4.40
N PRO B 102 -4.54 9.40 -3.45
CA PRO B 102 -5.19 9.63 -2.16
C PRO B 102 -6.24 10.72 -2.22
N GLY B 103 -6.29 11.50 -3.30
CA GLY B 103 -7.36 12.48 -3.43
C GLY B 103 -8.67 11.85 -3.82
N LEU B 104 -8.63 10.91 -4.75
CA LEU B 104 -9.85 10.22 -5.15
C LEU B 104 -10.30 9.20 -4.11
N ALA B 105 -9.37 8.64 -3.34
CA ALA B 105 -9.74 7.64 -2.34
C ALA B 105 -10.53 8.26 -1.20
N LEU B 106 -10.38 9.56 -0.97
CA LEU B 106 -11.18 10.24 0.02
C LEU B 106 -12.58 10.55 -0.48
N VAL B 107 -12.76 10.63 -1.80
CA VAL B 107 -14.10 10.78 -2.35
C VAL B 107 -14.93 9.54 -2.07
N VAL B 108 -14.29 8.37 -2.10
CA VAL B 108 -14.96 7.11 -1.82
C VAL B 108 -15.49 7.07 -0.40
N TRP B 109 -14.74 7.62 0.55
CA TRP B 109 -15.24 7.72 1.91
C TRP B 109 -16.34 8.77 2.06
N ALA B 110 -16.50 9.65 1.07
CA ALA B 110 -17.63 10.57 1.10
C ALA B 110 -18.84 10.00 0.41
N ALA B 111 -18.66 9.15 -0.59
CA ALA B 111 -19.80 8.51 -1.23
C ALA B 111 -20.40 7.42 -0.37
N CYS B 112 -19.60 6.77 0.47
CA CYS B 112 -20.12 5.75 1.36
C CYS B 112 -20.92 6.33 2.52
N GLY B 113 -20.53 7.51 2.99
CA GLY B 113 -21.26 8.11 4.08
C GLY B 113 -22.64 8.57 3.66
N VAL B 114 -22.76 9.05 2.42
CA VAL B 114 -24.05 9.43 1.88
C VAL B 114 -24.90 8.20 1.61
N PHE B 115 -24.30 7.16 1.03
CA PHE B 115 -25.03 5.95 0.68
C PHE B 115 -25.52 5.18 1.89
N SER B 116 -24.91 5.38 3.05
CA SER B 116 -25.42 4.79 4.28
C SER B 116 -26.48 5.65 4.95
N ILE B 117 -26.49 6.97 4.68
CA ILE B 117 -27.61 7.80 5.12
C ILE B 117 -28.88 7.34 4.46
N VAL B 118 -28.84 7.11 3.15
CA VAL B 118 -30.00 6.67 2.39
C VAL B 118 -30.46 5.29 2.84
N GLY B 119 -29.51 4.39 3.12
CA GLY B 119 -29.86 3.05 3.51
C GLY B 119 -30.40 2.92 4.91
N ALA B 120 -29.78 3.57 5.88
CA ALA B 120 -30.24 3.44 7.25
C ALA B 120 -31.52 4.22 7.51
N LEU B 121 -31.80 5.22 6.69
CA LEU B 121 -33.05 5.96 6.81
C LEU B 121 -34.24 5.15 6.29
N CYS B 122 -33.99 4.18 5.40
CA CYS B 122 -35.07 3.30 4.97
C CYS B 122 -35.35 2.22 6.01
N TYR B 123 -34.31 1.66 6.63
CA TYR B 123 -34.56 0.72 7.71
C TYR B 123 -35.04 1.41 8.98
N ALA B 124 -34.87 2.72 9.08
CA ALA B 124 -35.64 3.45 10.07
C ALA B 124 -37.12 3.39 9.74
N GLU B 125 -37.47 3.44 8.47
CA GLU B 125 -38.87 3.39 8.07
C GLU B 125 -39.37 1.96 8.05
N LEU B 126 -38.63 1.09 7.37
CA LEU B 126 -39.04 -0.29 7.18
C LEU B 126 -39.01 -1.08 8.49
N GLY B 127 -38.19 -0.64 9.45
CA GLY B 127 -38.14 -1.34 10.72
C GLY B 127 -39.35 -1.03 11.59
N THR B 128 -39.99 0.10 11.36
CA THR B 128 -41.02 0.55 12.29
C THR B 128 -42.42 0.19 11.80
N THR B 129 -42.57 -0.16 10.52
CA THR B 129 -43.86 -0.63 10.04
C THR B 129 -44.20 -1.99 10.62
N ILE B 130 -43.39 -3.00 10.31
CA ILE B 130 -43.71 -4.37 10.69
C ILE B 130 -43.38 -4.61 12.15
N SER B 131 -42.08 -4.56 12.48
CA SER B 131 -41.55 -4.58 13.84
C SER B 131 -41.97 -5.82 14.63
N LYS B 132 -41.68 -7.01 14.10
CA LYS B 132 -41.96 -8.20 14.89
C LYS B 132 -40.82 -8.50 15.86
N SER B 133 -39.68 -8.94 15.32
CA SER B 133 -38.41 -9.25 15.97
C SER B 133 -37.51 -9.79 14.87
N GLY B 134 -36.21 -9.79 15.12
CA GLY B 134 -35.30 -10.46 14.21
C GLY B 134 -35.18 -9.78 12.86
N GLY B 135 -34.50 -8.63 12.82
CA GLY B 135 -34.54 -7.78 11.65
C GLY B 135 -33.90 -8.42 10.43
N ASP B 136 -34.34 -7.93 9.26
CA ASP B 136 -33.90 -8.24 7.91
C ASP B 136 -34.33 -9.65 7.48
N TYR B 137 -34.97 -10.39 8.39
CA TYR B 137 -35.44 -11.72 8.06
C TYR B 137 -36.94 -11.83 8.28
N ALA B 138 -37.46 -11.20 9.32
CA ALA B 138 -38.91 -11.11 9.46
C ALA B 138 -39.48 -10.19 8.41
N TYR B 139 -38.77 -9.11 8.08
CA TYR B 139 -39.20 -8.23 7.00
C TYR B 139 -39.11 -8.96 5.67
N MET B 140 -38.17 -9.90 5.57
CA MET B 140 -38.12 -10.80 4.43
C MET B 140 -39.28 -11.79 4.49
N LEU B 141 -39.68 -12.17 5.70
CA LEU B 141 -40.77 -13.13 5.84
C LEU B 141 -42.11 -12.48 5.54
N GLU B 142 -42.34 -11.28 6.06
CA GLU B 142 -43.66 -10.67 5.92
C GLU B 142 -43.95 -10.25 4.49
N VAL B 143 -42.93 -10.17 3.66
CA VAL B 143 -43.14 -9.88 2.25
C VAL B 143 -43.14 -11.17 1.43
N TYR B 144 -42.26 -12.11 1.76
CA TYR B 144 -42.11 -13.30 0.93
C TYR B 144 -42.61 -14.58 1.56
N GLY B 145 -42.18 -14.92 2.79
CA GLY B 145 -42.82 -15.94 3.59
C GLY B 145 -42.78 -17.38 3.10
N SER B 146 -41.73 -17.72 2.39
CA SER B 146 -41.67 -18.99 1.69
C SER B 146 -40.21 -19.39 1.61
N LEU B 147 -39.87 -20.17 0.60
CA LEU B 147 -38.45 -20.37 0.30
C LEU B 147 -37.60 -19.12 0.14
N PRO B 148 -38.08 -17.93 -0.26
CA PRO B 148 -37.16 -16.78 -0.20
C PRO B 148 -36.82 -16.32 1.20
N ALA B 149 -37.66 -16.58 2.19
CA ALA B 149 -37.27 -16.23 3.55
C ALA B 149 -36.21 -17.17 4.06
N PHE B 150 -36.38 -18.48 3.80
CA PHE B 150 -35.34 -19.44 4.12
C PHE B 150 -34.10 -19.24 3.28
N LEU B 151 -34.24 -18.63 2.10
CA LEU B 151 -33.09 -18.37 1.26
C LEU B 151 -32.17 -17.35 1.91
N LYS B 152 -32.76 -16.32 2.52
CA LYS B 152 -31.92 -15.30 3.14
C LYS B 152 -31.35 -15.79 4.46
N LEU B 153 -32.04 -16.68 5.14
CA LEU B 153 -31.45 -17.30 6.32
C LEU B 153 -30.30 -18.22 5.95
N TRP B 154 -30.38 -18.84 4.78
CA TRP B 154 -29.31 -19.69 4.30
C TRP B 154 -28.08 -18.90 3.89
N ILE B 155 -28.27 -17.73 3.29
CA ILE B 155 -27.14 -16.90 2.89
C ILE B 155 -26.45 -16.34 4.11
N GLU B 156 -27.21 -15.71 4.99
CA GLU B 156 -26.64 -14.99 6.12
C GLU B 156 -25.98 -15.93 7.10
N LEU B 157 -26.45 -17.16 7.20
CA LEU B 157 -25.75 -18.10 8.05
C LEU B 157 -24.49 -18.69 7.43
N LEU B 158 -24.29 -18.58 6.13
CA LEU B 158 -23.16 -19.26 5.53
C LEU B 158 -22.25 -18.37 4.71
N ILE B 159 -22.65 -17.14 4.38
CA ILE B 159 -21.85 -16.24 3.58
C ILE B 159 -21.57 -14.94 4.31
N ILE B 160 -22.60 -14.31 4.86
CA ILE B 160 -22.44 -12.98 5.42
C ILE B 160 -21.84 -13.06 6.82
N ARG B 161 -22.54 -13.68 7.75
CA ARG B 161 -22.14 -13.66 9.15
C ARG B 161 -20.87 -14.45 9.45
N PRO B 162 -20.54 -15.58 8.79
CA PRO B 162 -19.19 -16.12 9.00
C PRO B 162 -18.08 -15.26 8.42
N SER B 163 -18.21 -14.78 7.19
CA SER B 163 -17.13 -14.00 6.62
C SER B 163 -17.05 -12.60 7.18
N SER B 164 -18.08 -12.12 7.84
CA SER B 164 -17.94 -10.84 8.54
C SER B 164 -17.19 -10.98 9.84
N GLN B 165 -16.94 -12.20 10.28
CA GLN B 165 -16.26 -12.46 11.54
C GLN B 165 -14.87 -13.01 11.34
N TYR B 166 -14.62 -13.70 10.24
CA TYR B 166 -13.27 -14.20 10.00
C TYR B 166 -12.33 -13.08 9.65
N ILE B 167 -12.82 -12.06 8.94
CA ILE B 167 -11.98 -10.93 8.55
C ILE B 167 -11.56 -10.14 9.78
N VAL B 168 -12.51 -9.83 10.65
CA VAL B 168 -12.19 -9.09 11.87
C VAL B 168 -11.33 -9.92 12.79
N ALA B 169 -11.46 -11.23 12.75
CA ALA B 169 -10.54 -12.07 13.49
C ALA B 169 -9.17 -12.11 12.86
N LEU B 170 -9.05 -11.82 11.57
CA LEU B 170 -7.76 -11.86 10.90
C LEU B 170 -6.97 -10.60 11.14
N VAL B 171 -7.67 -9.48 11.26
CA VAL B 171 -7.01 -8.21 11.50
C VAL B 171 -6.50 -8.15 12.93
N PHE B 172 -7.14 -8.87 13.84
CA PHE B 172 -6.58 -9.01 15.18
C PHE B 172 -5.24 -9.74 15.15
N ALA B 173 -5.11 -10.74 14.29
CA ALA B 173 -3.87 -11.49 14.24
C ALA B 173 -2.74 -10.67 13.64
N THR B 174 -3.04 -9.89 12.61
CA THR B 174 -1.97 -9.16 11.94
C THR B 174 -1.56 -7.93 12.73
N TYR B 175 -2.34 -7.53 13.74
CA TYR B 175 -1.85 -6.42 14.54
C TYR B 175 -1.16 -6.91 15.80
N LEU B 176 -0.98 -8.21 15.93
CA LEU B 176 -0.04 -8.69 16.93
C LEU B 176 1.30 -9.01 16.30
N LEU B 177 1.27 -9.52 15.08
CA LEU B 177 2.47 -10.11 14.51
C LEU B 177 3.25 -9.08 13.71
N LYS B 178 2.57 -8.11 13.11
CA LYS B 178 3.27 -7.02 12.45
C LYS B 178 4.10 -6.15 13.38
N PRO B 179 3.71 -5.84 14.64
CA PRO B 179 4.67 -5.09 15.47
C PRO B 179 5.84 -5.91 15.94
N LEU B 180 5.76 -7.22 15.82
CA LEU B 180 6.85 -8.05 16.27
C LEU B 180 7.94 -8.13 15.22
N PHE B 181 7.61 -7.90 13.95
CA PHE B 181 8.57 -8.21 12.90
C PHE B 181 9.63 -7.13 12.66
N PRO B 182 9.31 -5.86 12.37
CA PRO B 182 8.12 -5.11 11.97
C PRO B 182 7.95 -4.89 10.48
N THR B 183 8.94 -5.17 9.65
CA THR B 183 8.80 -4.94 8.21
C THR B 183 9.15 -6.20 7.41
N CYS B 184 8.20 -7.12 7.35
CA CYS B 184 8.19 -8.34 6.56
C CYS B 184 6.72 -8.69 6.39
N PRO B 185 6.36 -9.49 5.39
CA PRO B 185 5.02 -10.08 5.41
C PRO B 185 4.95 -11.18 6.47
N VAL B 186 3.98 -11.04 7.38
CA VAL B 186 3.66 -12.04 8.40
C VAL B 186 3.32 -13.35 7.70
N PRO B 187 3.83 -14.51 8.17
CA PRO B 187 3.49 -15.76 7.49
C PRO B 187 2.02 -16.07 7.62
N GLU B 188 1.40 -16.40 6.47
CA GLU B 188 -0.04 -16.59 6.41
C GLU B 188 -0.47 -17.76 7.26
N GLU B 189 0.36 -18.79 7.36
CA GLU B 189 0.06 -19.94 8.20
C GLU B 189 0.20 -19.66 9.69
N ALA B 190 0.67 -18.48 10.08
CA ALA B 190 0.67 -18.11 11.49
C ALA B 190 -0.26 -16.97 11.80
N ALA B 191 -0.82 -16.30 10.79
CA ALA B 191 -1.88 -15.34 11.03
C ALA B 191 -3.24 -15.99 10.97
N LYS B 192 -3.32 -17.21 10.49
CA LYS B 192 -4.57 -17.93 10.56
C LYS B 192 -4.75 -18.63 11.91
N LEU B 193 -3.68 -19.16 12.48
CA LEU B 193 -3.82 -19.85 13.75
C LEU B 193 -3.80 -18.90 14.93
N VAL B 194 -3.84 -17.60 14.69
CA VAL B 194 -4.15 -16.68 15.77
C VAL B 194 -5.57 -16.16 15.61
N ALA B 195 -6.07 -16.14 14.38
CA ALA B 195 -7.47 -15.82 14.15
C ALA B 195 -8.39 -16.91 14.65
N CYS B 196 -7.90 -18.15 14.77
CA CYS B 196 -8.71 -19.19 15.38
C CYS B 196 -8.72 -19.07 16.88
N LEU B 197 -7.60 -18.67 17.48
CA LEU B 197 -7.59 -18.52 18.93
C LEU B 197 -8.29 -17.24 19.35
N CYS B 198 -8.42 -16.28 18.45
CA CYS B 198 -9.24 -15.13 18.75
C CYS B 198 -10.71 -15.50 18.75
N VAL B 199 -11.09 -16.51 17.99
CA VAL B 199 -12.49 -16.90 17.91
C VAL B 199 -12.82 -18.01 18.90
N LEU B 200 -12.06 -19.11 18.87
CA LEU B 200 -12.39 -20.28 19.70
C LEU B 200 -12.24 -20.01 21.18
N LEU B 201 -11.44 -19.03 21.56
CA LEU B 201 -11.49 -18.59 22.93
C LEU B 201 -12.69 -17.70 23.18
N LEU B 202 -13.17 -17.02 22.16
CA LEU B 202 -14.13 -15.97 22.45
C LEU B 202 -15.56 -16.49 22.43
N THR B 203 -15.82 -17.64 21.84
CA THR B 203 -17.12 -18.23 22.04
C THR B 203 -17.19 -18.91 23.39
N ALA B 204 -16.07 -19.41 23.88
CA ALA B 204 -16.06 -20.08 25.18
C ALA B 204 -16.25 -19.10 26.31
N VAL B 205 -15.95 -17.83 26.11
CA VAL B 205 -16.45 -16.82 27.02
C VAL B 205 -17.96 -16.72 26.91
N ASN B 206 -18.46 -16.62 25.69
CA ASN B 206 -19.87 -16.39 25.46
C ASN B 206 -20.71 -17.64 25.71
N CYS B 207 -20.11 -18.82 25.69
CA CYS B 207 -20.84 -19.99 26.16
C CYS B 207 -20.94 -20.02 27.67
N TYR B 208 -20.10 -19.27 28.37
CA TYR B 208 -20.29 -19.03 29.79
C TYR B 208 -21.08 -17.73 29.90
N SER B 209 -21.10 -17.14 31.09
CA SER B 209 -22.19 -16.22 31.45
C SER B 209 -22.12 -14.91 30.68
N VAL B 210 -23.29 -14.43 30.28
CA VAL B 210 -23.42 -13.21 29.50
C VAL B 210 -23.14 -11.98 30.36
N LYS B 211 -23.40 -12.06 31.67
CA LYS B 211 -23.11 -10.94 32.57
C LYS B 211 -21.62 -10.69 32.71
N ALA B 212 -20.78 -11.68 32.43
CA ALA B 212 -19.37 -11.40 32.23
C ALA B 212 -19.13 -10.88 30.82
N ALA B 213 -19.81 -11.46 29.85
CA ALA B 213 -19.55 -11.17 28.45
C ALA B 213 -20.02 -9.80 28.02
N THR B 214 -21.02 -9.23 28.66
CA THR B 214 -21.41 -7.87 28.31
C THR B 214 -20.50 -6.82 28.91
N ARG B 215 -19.87 -7.14 30.04
CA ARG B 215 -18.95 -6.19 30.66
C ARG B 215 -17.62 -6.13 29.93
N VAL B 216 -17.16 -7.29 29.45
CA VAL B 216 -15.93 -7.36 28.67
C VAL B 216 -16.05 -6.55 27.40
N GLN B 217 -17.21 -6.60 26.76
CA GLN B 217 -17.44 -5.79 25.57
C GLN B 217 -17.51 -4.31 25.91
N ASP B 218 -17.96 -3.97 27.12
CA ASP B 218 -18.13 -2.58 27.48
C ASP B 218 -16.79 -1.85 27.57
N ALA B 219 -15.72 -2.57 27.91
CA ALA B 219 -14.40 -1.97 27.88
C ALA B 219 -13.84 -1.86 26.46
N PHE B 220 -14.43 -2.55 25.49
CA PHE B 220 -13.86 -2.57 24.17
C PHE B 220 -14.46 -1.54 23.23
N ALA B 221 -15.31 -0.65 23.72
CA ALA B 221 -15.68 0.52 22.94
C ALA B 221 -14.90 1.72 23.39
N ALA B 222 -14.29 1.65 24.57
CA ALA B 222 -13.41 2.72 25.01
C ALA B 222 -12.08 2.66 24.27
N ALA B 223 -11.48 1.48 24.18
CA ALA B 223 -10.19 1.34 23.54
C ALA B 223 -10.29 1.55 22.03
N LYS B 224 -11.46 1.29 21.46
CA LYS B 224 -11.67 1.61 20.06
C LYS B 224 -11.76 3.11 19.85
N LEU B 225 -12.55 3.81 20.68
CA LEU B 225 -12.72 5.24 20.48
C LEU B 225 -11.50 6.02 20.95
N LEU B 226 -10.66 5.41 21.77
CA LEU B 226 -9.46 6.13 22.20
C LEU B 226 -8.40 6.08 21.12
N ALA B 227 -8.30 4.97 20.40
CA ALA B 227 -7.32 4.86 19.35
C ALA B 227 -7.68 5.73 18.16
N LEU B 228 -8.98 5.88 17.88
CA LEU B 228 -9.40 6.77 16.79
C LEU B 228 -9.10 8.22 17.12
N ALA B 229 -9.46 8.66 18.32
CA ALA B 229 -9.22 10.05 18.71
C ALA B 229 -7.75 10.37 18.88
N LEU B 230 -6.92 9.36 19.13
CA LEU B 230 -5.47 9.57 19.17
C LEU B 230 -4.94 9.87 17.78
N ILE B 231 -5.35 9.09 16.78
CA ILE B 231 -4.84 9.23 15.42
C ILE B 231 -5.20 10.58 14.82
N ILE B 232 -6.32 11.16 15.25
CA ILE B 232 -6.73 12.46 14.73
C ILE B 232 -5.79 13.56 15.23
N LEU B 233 -5.54 13.60 16.54
CA LEU B 233 -4.66 14.63 17.08
C LEU B 233 -3.21 14.36 16.72
N LEU B 234 -2.84 13.09 16.53
CA LEU B 234 -1.52 12.80 16.00
C LEU B 234 -1.42 13.15 14.53
N GLY B 235 -2.54 13.19 13.82
CA GLY B 235 -2.52 13.63 12.44
C GLY B 235 -2.65 15.12 12.28
N PHE B 236 -3.42 15.77 13.17
CA PHE B 236 -3.67 17.20 13.04
C PHE B 236 -2.44 18.03 13.36
N VAL B 237 -1.62 17.56 14.30
CA VAL B 237 -0.44 18.32 14.70
C VAL B 237 0.67 18.20 13.67
N GLN B 238 0.64 17.16 12.83
CA GLN B 238 1.67 16.97 11.82
C GLN B 238 1.61 18.04 10.74
N ILE B 239 0.41 18.50 10.42
CA ILE B 239 0.27 19.65 9.54
C ILE B 239 0.72 20.91 10.27
N GLY B 240 0.35 21.04 11.54
CA GLY B 240 0.66 22.26 12.28
C GLY B 240 2.12 22.40 12.66
N LYS B 241 2.83 21.29 12.84
CA LYS B 241 4.22 21.36 13.27
C LYS B 241 5.12 21.84 12.13
N GLY B 242 5.22 21.05 11.08
CA GLY B 242 5.99 21.43 9.91
C GLY B 242 5.50 20.66 8.71
N ASP B 243 5.71 21.25 7.53
CA ASP B 243 5.28 20.73 6.24
C ASP B 243 3.75 20.53 6.22
N VAL B 244 3.06 21.67 6.27
CA VAL B 244 1.62 21.67 6.07
C VAL B 244 1.29 21.17 4.67
N SER B 245 0.39 20.18 4.61
CA SER B 245 0.05 19.40 3.41
C SER B 245 1.32 18.80 2.78
N ASN B 246 1.97 17.94 3.58
CA ASN B 246 3.30 17.44 3.27
C ASN B 246 3.30 16.53 2.05
N LEU B 247 2.29 15.68 1.91
CA LEU B 247 2.14 14.92 0.68
C LEU B 247 1.27 15.69 -0.32
N ASP B 248 0.03 16.00 0.09
CA ASP B 248 -0.93 16.78 -0.69
C ASP B 248 -1.14 16.22 -2.10
N PRO B 249 -1.19 14.91 -2.26
CA PRO B 249 -1.28 14.35 -3.61
C PRO B 249 -2.72 14.17 -4.07
N ASN B 250 -3.00 14.61 -5.29
CA ASN B 250 -4.24 14.31 -5.98
C ASN B 250 -3.90 13.85 -7.39
N PHE B 251 -2.94 12.93 -7.49
CA PHE B 251 -2.26 12.65 -8.75
C PHE B 251 -3.18 11.95 -9.75
N SER B 252 -3.88 10.91 -9.31
CA SER B 252 -4.85 10.20 -10.14
C SER B 252 -6.26 10.71 -9.87
N PHE B 253 -6.41 12.02 -9.63
CA PHE B 253 -7.74 12.61 -9.60
C PHE B 253 -8.36 12.62 -11.00
N GLU B 254 -7.52 12.74 -12.02
CA GLU B 254 -7.90 12.52 -13.42
C GLU B 254 -7.05 11.34 -13.90
N GLY B 255 -7.53 10.14 -13.66
CA GLY B 255 -6.80 8.92 -13.94
C GLY B 255 -7.16 7.83 -12.96
N THR B 256 -6.78 6.60 -13.32
CA THR B 256 -6.96 5.37 -12.52
C THR B 256 -8.41 5.14 -12.12
N LYS B 257 -9.36 5.57 -12.96
CA LYS B 257 -10.79 5.50 -12.66
C LYS B 257 -11.47 4.81 -13.84
N LEU B 258 -11.50 3.48 -13.80
CA LEU B 258 -12.10 2.72 -14.89
C LEU B 258 -13.62 2.80 -14.89
N ASP B 259 -14.23 3.22 -13.77
CA ASP B 259 -15.63 3.57 -13.58
C ASP B 259 -16.60 2.39 -13.67
N VAL B 260 -16.11 1.22 -14.06
CA VAL B 260 -16.83 -0.04 -13.97
C VAL B 260 -15.96 -1.14 -13.38
N GLY B 261 -14.69 -0.87 -13.14
CA GLY B 261 -13.81 -1.85 -12.57
C GLY B 261 -13.38 -1.43 -11.19
N ASN B 262 -12.23 -0.76 -11.14
CA ASN B 262 -11.53 -0.45 -9.91
C ASN B 262 -12.29 0.54 -9.03
N ILE B 263 -13.28 1.25 -9.55
CA ILE B 263 -14.05 2.18 -8.72
C ILE B 263 -15.02 1.42 -7.82
N VAL B 264 -15.68 0.40 -8.34
CA VAL B 264 -16.71 -0.31 -7.58
C VAL B 264 -16.08 -1.14 -6.48
N LEU B 265 -14.94 -1.78 -6.76
CA LEU B 265 -14.26 -2.53 -5.72
C LEU B 265 -13.63 -1.63 -4.67
N ALA B 266 -13.47 -0.34 -4.96
CA ALA B 266 -13.19 0.59 -3.89
C ALA B 266 -14.41 0.78 -3.01
N LEU B 267 -15.62 0.66 -3.57
CA LEU B 267 -16.82 0.88 -2.78
C LEU B 267 -17.27 -0.34 -2.01
N TYR B 268 -17.00 -1.55 -2.51
CA TYR B 268 -17.26 -2.75 -1.72
C TYR B 268 -16.44 -2.75 -0.45
N SER B 269 -15.22 -2.27 -0.51
CA SER B 269 -14.42 -2.15 0.69
C SER B 269 -14.77 -0.93 1.52
N GLY B 270 -15.05 0.21 0.89
CA GLY B 270 -15.36 1.41 1.64
C GLY B 270 -16.67 1.33 2.40
N LEU B 271 -17.59 0.47 1.93
CA LEU B 271 -18.82 0.18 2.65
C LEU B 271 -18.67 -0.94 3.66
N PHE B 272 -17.53 -1.63 3.71
CA PHE B 272 -17.35 -2.59 4.77
C PHE B 272 -17.13 -1.88 6.10
N ALA B 273 -16.53 -0.70 6.07
CA ALA B 273 -16.22 0.00 7.31
C ALA B 273 -17.44 0.69 7.88
N TYR B 274 -18.52 0.75 7.12
CA TYR B 274 -19.79 1.28 7.59
C TYR B 274 -20.83 0.23 7.90
N GLY B 275 -20.47 -1.05 7.89
CA GLY B 275 -21.43 -2.10 8.16
C GLY B 275 -21.96 -2.04 9.57
N GLY B 276 -23.17 -2.52 9.79
CA GLY B 276 -23.78 -2.48 11.10
C GLY B 276 -24.92 -1.51 11.24
N TRP B 277 -25.17 -0.68 10.24
CA TRP B 277 -26.30 0.24 10.27
C TRP B 277 -27.63 -0.47 10.09
N ASN B 278 -27.62 -1.74 9.72
CA ASN B 278 -28.85 -2.43 9.39
C ASN B 278 -29.30 -3.44 10.43
N TYR B 279 -28.40 -4.29 10.93
CA TYR B 279 -28.83 -5.40 11.75
C TYR B 279 -28.83 -5.08 13.23
N LEU B 280 -28.63 -3.83 13.61
CA LEU B 280 -28.68 -3.47 15.02
C LEU B 280 -29.43 -2.17 15.31
N ASN B 281 -29.91 -1.45 14.30
CA ASN B 281 -30.41 -0.09 14.54
C ASN B 281 -31.86 -0.10 15.01
N PHE B 282 -32.47 -1.28 15.15
CA PHE B 282 -33.85 -1.39 15.59
C PHE B 282 -34.01 -1.00 17.05
N VAL B 283 -33.02 -1.32 17.89
CA VAL B 283 -33.20 -1.25 19.33
C VAL B 283 -33.15 0.15 19.90
N THR B 284 -32.75 1.13 19.10
CA THR B 284 -32.57 2.49 19.61
C THR B 284 -33.91 3.15 19.90
N GLU B 285 -34.95 2.76 19.17
CA GLU B 285 -36.21 3.48 19.21
C GLU B 285 -36.99 3.24 20.49
N GLU B 286 -37.17 1.97 20.87
CA GLU B 286 -38.18 1.65 21.87
C GLU B 286 -37.70 1.95 23.27
N MET B 287 -36.43 2.34 23.43
CA MET B 287 -35.90 2.56 24.76
C MET B 287 -36.07 4.01 25.21
N ILE B 288 -36.02 4.92 24.26
CA ILE B 288 -36.18 6.34 24.55
C ILE B 288 -37.60 6.80 24.22
N ASN B 289 -38.36 5.92 23.56
CA ASN B 289 -39.74 6.20 23.18
C ASN B 289 -39.89 7.54 22.48
N PRO B 290 -39.12 7.75 21.41
CA PRO B 290 -39.17 9.00 20.64
C PRO B 290 -40.26 8.95 19.59
N TYR B 291 -40.83 7.77 19.38
CA TYR B 291 -41.90 7.51 18.40
C TYR B 291 -41.53 7.84 16.96
N ARG B 292 -41.28 9.12 16.69
CA ARG B 292 -40.92 9.58 15.35
C ARG B 292 -39.68 10.46 15.34
N ASN B 293 -39.01 10.62 16.48
CA ASN B 293 -37.89 11.56 16.52
C ASN B 293 -36.57 10.88 16.17
N LEU B 294 -36.61 9.58 15.88
CA LEU B 294 -35.40 8.86 15.48
C LEU B 294 -34.77 9.33 14.18
N PRO B 295 -35.51 9.57 13.03
CA PRO B 295 -34.79 10.02 11.84
C PRO B 295 -34.18 11.41 11.94
N LEU B 296 -34.59 12.18 12.95
CA LEU B 296 -33.87 13.41 13.26
C LEU B 296 -32.48 13.11 13.76
N ALA B 297 -32.30 11.96 14.42
CA ALA B 297 -30.98 11.62 14.94
C ALA B 297 -30.09 11.02 13.86
N ILE B 298 -30.69 10.44 12.82
CA ILE B 298 -29.90 9.61 11.91
C ILE B 298 -29.19 10.48 10.88
N ILE B 299 -29.65 11.73 10.71
CA ILE B 299 -28.93 12.69 9.89
C ILE B 299 -27.86 13.41 10.72
N ILE B 300 -28.13 13.58 12.01
CA ILE B 300 -27.11 14.19 12.86
C ILE B 300 -25.97 13.20 13.12
N SER B 301 -26.29 11.92 13.29
CA SER B 301 -25.28 10.96 13.74
C SER B 301 -24.31 10.58 12.63
N LEU B 302 -24.83 10.23 11.47
CA LEU B 302 -24.03 9.46 10.52
C LEU B 302 -22.99 10.28 9.74
N PRO B 303 -23.23 11.52 9.29
CA PRO B 303 -22.11 12.31 8.77
C PRO B 303 -21.05 12.65 9.79
N ILE B 304 -21.39 12.68 11.08
CA ILE B 304 -20.37 12.85 12.09
C ILE B 304 -19.47 11.63 12.14
N VAL B 305 -20.02 10.45 11.87
CA VAL B 305 -19.20 9.26 11.73
C VAL B 305 -18.39 9.33 10.45
N THR B 306 -19.01 9.81 9.36
CA THR B 306 -18.31 9.95 8.09
C THR B 306 -17.17 10.94 8.20
N LEU B 307 -17.36 11.98 9.01
CA LEU B 307 -16.30 12.94 9.31
C LEU B 307 -15.11 12.26 9.97
N VAL B 308 -15.37 11.31 10.86
CA VAL B 308 -14.30 10.61 11.56
C VAL B 308 -13.52 9.73 10.59
N TYR B 309 -14.22 9.12 9.63
CA TYR B 309 -13.52 8.31 8.64
C TYR B 309 -12.74 9.17 7.66
N VAL B 310 -13.16 10.42 7.48
CA VAL B 310 -12.37 11.34 6.67
C VAL B 310 -11.07 11.70 7.37
N LEU B 311 -11.16 12.09 8.63
CA LEU B 311 -10.01 12.66 9.32
C LEU B 311 -8.94 11.65 9.64
N THR B 312 -9.25 10.35 9.66
CA THR B 312 -8.17 9.37 9.78
C THR B 312 -7.42 9.22 8.48
N ASN B 313 -8.11 9.33 7.35
CA ASN B 313 -7.45 9.20 6.07
C ASN B 313 -6.52 10.37 5.82
N LEU B 314 -6.89 11.56 6.29
CA LEU B 314 -5.96 12.67 6.28
C LEU B 314 -4.78 12.43 7.21
N ALA B 315 -5.01 11.74 8.32
CA ALA B 315 -3.88 11.38 9.17
C ALA B 315 -3.03 10.30 8.54
N TYR B 316 -3.59 9.46 7.68
CA TYR B 316 -2.76 8.50 6.97
C TYR B 316 -2.02 9.14 5.81
N PHE B 317 -2.66 10.06 5.09
CA PHE B 317 -2.08 10.56 3.86
C PHE B 317 -0.99 11.58 4.11
N THR B 318 -1.13 12.41 5.13
CA THR B 318 -0.12 13.42 5.38
C THR B 318 1.12 12.84 6.03
N THR B 319 0.94 11.96 7.02
CA THR B 319 2.10 11.43 7.73
C THR B 319 2.79 10.33 6.95
N LEU B 320 2.04 9.46 6.30
CA LEU B 320 2.66 8.42 5.50
C LEU B 320 2.71 8.86 4.04
N SER B 321 3.18 7.95 3.18
CA SER B 321 3.29 8.16 1.75
C SER B 321 2.32 7.22 1.05
N THR B 322 2.21 7.40 -0.26
CA THR B 322 1.32 6.54 -1.03
C THR B 322 1.91 5.19 -1.34
N GLU B 323 3.18 4.96 -1.01
CA GLU B 323 3.76 3.65 -1.29
C GLU B 323 3.74 2.77 -0.05
N GLN B 324 3.93 3.36 1.12
CA GLN B 324 3.86 2.62 2.38
C GLN B 324 2.48 2.05 2.63
N MET B 325 1.43 2.76 2.21
CA MET B 325 0.08 2.27 2.42
C MET B 325 -0.27 1.15 1.45
N LEU B 326 0.26 1.20 0.23
CA LEU B 326 0.06 0.08 -0.69
C LEU B 326 0.80 -1.16 -0.22
N SER B 327 1.94 -0.96 0.45
CA SER B 327 2.82 -2.08 0.78
C SER B 327 2.39 -2.81 2.02
N SER B 328 1.95 -2.10 3.05
CA SER B 328 1.79 -2.70 4.36
C SER B 328 0.47 -3.46 4.47
N GLU B 329 0.52 -4.55 5.25
CA GLU B 329 -0.70 -5.15 5.75
C GLU B 329 -1.34 -4.27 6.82
N ALA B 330 -0.51 -3.47 7.51
CA ALA B 330 -0.90 -2.69 8.67
C ALA B 330 -0.59 -1.23 8.39
N VAL B 331 -1.64 -0.43 8.15
CA VAL B 331 -1.42 0.99 7.90
C VAL B 331 -1.21 1.72 9.22
N ALA B 332 -1.84 1.23 10.28
CA ALA B 332 -1.80 1.91 11.56
C ALA B 332 -0.43 1.88 12.21
N VAL B 333 0.32 0.79 12.06
CA VAL B 333 1.61 0.73 12.75
C VAL B 333 2.68 1.54 12.03
N ASP B 334 2.50 1.83 10.74
CA ASP B 334 3.44 2.73 10.09
C ASP B 334 3.22 4.15 10.54
N PHE B 335 1.96 4.50 10.78
CA PHE B 335 1.64 5.76 11.44
C PHE B 335 2.12 5.76 12.89
N GLY B 336 2.18 4.59 13.52
CA GLY B 336 2.67 4.52 14.88
C GLY B 336 4.17 4.61 14.97
N ASN B 337 4.87 4.17 13.93
CA ASN B 337 6.32 4.24 13.95
C ASN B 337 6.81 5.66 13.70
N TYR B 338 6.19 6.35 12.75
CA TYR B 338 6.57 7.73 12.45
C TYR B 338 6.59 8.66 13.68
N HIS B 339 5.47 8.71 14.38
CA HIS B 339 5.31 9.58 15.57
C HIS B 339 6.13 9.38 16.86
N LEU B 340 6.33 8.13 17.30
CA LEU B 340 7.05 7.93 18.57
C LEU B 340 7.97 6.71 18.64
N GLY B 341 8.39 6.35 19.85
CA GLY B 341 9.27 5.22 20.04
C GLY B 341 8.77 4.20 21.04
N VAL B 342 7.66 4.50 21.71
CA VAL B 342 7.00 3.50 22.55
C VAL B 342 6.41 2.40 21.67
N MET B 343 5.43 2.78 20.84
CA MET B 343 5.01 2.20 19.56
C MET B 343 4.59 0.74 19.60
N SER B 344 4.63 0.14 20.79
CA SER B 344 4.21 -1.23 21.01
C SER B 344 3.21 -1.33 22.14
N TRP B 345 3.07 -0.29 22.95
CA TRP B 345 1.99 -0.22 23.92
C TRP B 345 0.80 0.56 23.41
N ILE B 346 0.89 1.19 22.24
CA ILE B 346 -0.16 2.13 21.86
C ILE B 346 -0.95 1.65 20.66
N ILE B 347 -0.32 1.59 19.51
CA ILE B 347 -1.07 1.38 18.27
C ILE B 347 -1.51 -0.08 18.11
N PRO B 348 -0.71 -1.12 18.33
CA PRO B 348 -1.30 -2.46 18.28
C PRO B 348 -2.14 -2.82 19.48
N VAL B 349 -1.91 -2.22 20.64
CA VAL B 349 -2.70 -2.54 21.80
C VAL B 349 -4.10 -1.99 21.68
N PHE B 350 -4.22 -0.69 21.42
CA PHE B 350 -5.53 -0.07 21.37
C PHE B 350 -6.29 -0.39 20.11
N VAL B 351 -5.66 -1.04 19.13
CA VAL B 351 -6.42 -1.53 17.99
C VAL B 351 -6.57 -3.05 18.04
N GLY B 352 -5.63 -3.77 18.65
CA GLY B 352 -5.86 -5.17 18.94
C GLY B 352 -6.98 -5.41 19.94
N LEU B 353 -7.34 -4.41 20.72
CA LEU B 353 -8.55 -4.49 21.52
C LEU B 353 -9.78 -4.05 20.76
N SER B 354 -9.63 -3.33 19.65
CA SER B 354 -10.80 -2.97 18.86
C SER B 354 -11.35 -4.18 18.13
N CYS B 355 -10.49 -4.92 17.42
CA CYS B 355 -10.90 -6.09 16.67
C CYS B 355 -11.34 -7.24 17.56
N PHE B 356 -10.91 -7.24 18.80
CA PHE B 356 -11.25 -8.29 19.74
C PHE B 356 -12.62 -8.07 20.35
N GLY B 357 -13.22 -6.92 20.11
CA GLY B 357 -14.53 -6.66 20.62
C GLY B 357 -15.58 -6.87 19.56
N SER B 358 -15.21 -6.66 18.30
CA SER B 358 -16.17 -6.83 17.23
C SER B 358 -16.43 -8.29 16.93
N VAL B 359 -15.46 -9.17 17.19
CA VAL B 359 -15.78 -10.59 17.16
C VAL B 359 -16.63 -10.94 18.36
N ASN B 360 -16.34 -10.32 19.49
CA ASN B 360 -17.17 -10.49 20.69
C ASN B 360 -18.54 -9.89 20.50
N GLY B 361 -18.60 -8.73 19.84
CA GLY B 361 -19.88 -8.09 19.60
C GLY B 361 -20.69 -8.73 18.50
N SER B 362 -20.13 -9.69 17.78
CA SER B 362 -20.87 -10.40 16.77
C SER B 362 -21.32 -11.76 17.24
N LEU B 363 -21.15 -12.06 18.51
CA LEU B 363 -21.64 -13.32 19.06
C LEU B 363 -22.82 -13.13 19.99
N PHE B 364 -23.08 -11.91 20.47
CA PHE B 364 -24.35 -11.65 21.13
C PHE B 364 -25.49 -11.69 20.14
N THR B 365 -25.26 -11.19 18.94
CA THR B 365 -26.33 -11.10 17.97
C THR B 365 -26.64 -12.43 17.31
N SER B 366 -25.72 -13.39 17.38
CA SER B 366 -25.99 -14.69 16.80
C SER B 366 -26.99 -15.49 17.61
N SER B 367 -27.13 -15.16 18.90
CA SER B 367 -28.14 -15.83 19.70
C SER B 367 -29.54 -15.38 19.31
N ARG B 368 -29.68 -14.10 18.97
CA ARG B 368 -31.01 -13.53 18.78
C ARG B 368 -31.62 -13.97 17.47
N LEU B 369 -30.80 -14.45 16.54
CA LEU B 369 -31.30 -14.76 15.21
C LEU B 369 -31.86 -16.17 15.15
N PHE B 370 -31.33 -17.09 15.94
CA PHE B 370 -31.76 -18.46 15.81
C PHE B 370 -33.07 -18.69 16.54
N PHE B 371 -33.38 -17.83 17.50
CA PHE B 371 -34.69 -17.89 18.14
C PHE B 371 -35.79 -17.53 17.15
N VAL B 372 -35.48 -16.62 16.23
CA VAL B 372 -36.46 -16.20 15.24
C VAL B 372 -36.65 -17.27 14.18
N GLY B 373 -35.55 -17.89 13.75
CA GLY B 373 -35.65 -18.83 12.65
C GLY B 373 -36.24 -20.15 13.08
N SER B 374 -36.03 -20.55 14.33
CA SER B 374 -36.49 -21.86 14.76
C SER B 374 -37.99 -21.85 15.04
N ARG B 375 -38.53 -20.72 15.49
CA ARG B 375 -39.94 -20.65 15.85
C ARG B 375 -40.83 -20.63 14.62
N GLU B 376 -40.26 -20.44 13.44
CA GLU B 376 -41.07 -20.49 12.24
C GLU B 376 -41.06 -21.85 11.57
N GLY B 377 -40.14 -22.73 11.95
CA GLY B 377 -40.12 -24.04 11.35
C GLY B 377 -38.82 -24.36 10.67
N HIS B 378 -38.12 -23.34 10.19
CA HIS B 378 -36.77 -23.52 9.67
C HIS B 378 -35.82 -23.78 10.83
N LEU B 379 -34.55 -24.11 10.51
CA LEU B 379 -33.48 -24.30 11.50
C LEU B 379 -33.78 -25.34 12.56
N PRO B 380 -33.47 -26.63 12.30
CA PRO B 380 -33.88 -27.75 13.17
C PRO B 380 -33.59 -27.52 14.63
N SER B 381 -34.53 -27.96 15.47
CA SER B 381 -34.73 -27.40 16.82
C SER B 381 -33.57 -27.68 17.78
N ILE B 382 -32.55 -28.42 17.35
CA ILE B 382 -31.33 -28.54 18.13
C ILE B 382 -30.67 -27.17 18.25
N LEU B 383 -30.72 -26.39 17.18
CA LEU B 383 -30.36 -24.99 17.29
C LEU B 383 -31.42 -24.27 18.12
N SER B 384 -30.98 -23.19 18.79
CA SER B 384 -31.80 -22.36 19.67
C SER B 384 -32.36 -23.15 20.86
N MET B 385 -31.47 -23.65 21.71
CA MET B 385 -31.83 -24.26 22.97
C MET B 385 -30.82 -23.83 24.03
N ILE B 386 -31.31 -23.50 25.18
CA ILE B 386 -30.50 -22.83 26.19
C ILE B 386 -30.09 -23.82 27.26
N HIS B 387 -28.89 -23.64 27.82
CA HIS B 387 -28.48 -24.37 29.02
C HIS B 387 -29.34 -23.90 30.19
N PRO B 388 -29.65 -24.82 31.13
CA PRO B 388 -30.43 -24.46 32.33
C PRO B 388 -29.65 -23.47 33.18
N GLN B 389 -28.61 -23.94 33.85
CA GLN B 389 -27.76 -23.06 34.66
C GLN B 389 -26.96 -22.20 33.70
N LEU B 390 -26.72 -20.95 34.09
CA LEU B 390 -25.98 -19.95 33.30
C LEU B 390 -26.35 -19.96 31.81
N LEU B 391 -27.56 -19.48 31.51
CA LEU B 391 -28.04 -19.54 30.14
C LEU B 391 -27.13 -18.85 29.14
N THR B 392 -26.87 -19.58 28.05
CA THR B 392 -26.05 -19.18 26.93
C THR B 392 -26.27 -20.27 25.90
N PRO B 393 -27.07 -19.96 24.86
CA PRO B 393 -27.40 -20.92 23.79
C PRO B 393 -26.18 -21.66 23.24
N VAL B 394 -25.80 -22.77 23.87
CA VAL B 394 -24.65 -23.53 23.40
C VAL B 394 -24.74 -24.01 21.95
N PRO B 395 -25.81 -24.67 21.49
CA PRO B 395 -25.76 -25.17 20.09
C PRO B 395 -25.91 -24.09 19.06
N SER B 396 -26.35 -22.90 19.47
CA SER B 396 -26.27 -21.75 18.58
C SER B 396 -24.83 -21.33 18.38
N LEU B 397 -24.12 -21.12 19.47
CA LEU B 397 -22.78 -20.55 19.42
C LEU B 397 -21.75 -21.51 18.84
N VAL B 398 -21.95 -22.81 18.98
CA VAL B 398 -21.06 -23.76 18.31
C VAL B 398 -21.21 -23.65 16.81
N PHE B 399 -22.43 -23.49 16.32
CA PHE B 399 -22.63 -23.45 14.89
C PHE B 399 -22.10 -22.17 14.27
N THR B 400 -21.97 -21.10 15.04
CA THR B 400 -21.34 -19.92 14.50
C THR B 400 -19.84 -20.10 14.36
N CYS B 401 -19.18 -20.63 15.39
CA CYS B 401 -17.72 -20.69 15.32
C CYS B 401 -17.24 -21.77 14.38
N VAL B 402 -18.02 -22.84 14.19
CA VAL B 402 -17.62 -23.87 13.24
C VAL B 402 -17.69 -23.33 11.81
N MET B 403 -18.72 -22.57 11.48
CA MET B 403 -18.78 -22.00 10.15
C MET B 403 -17.84 -20.82 9.96
N THR B 404 -17.34 -20.24 11.05
CA THR B 404 -16.34 -19.20 10.89
C THR B 404 -14.96 -19.79 10.60
N LEU B 405 -14.61 -20.89 11.28
CA LEU B 405 -13.31 -21.51 11.08
C LEU B 405 -13.15 -22.12 9.70
N LEU B 406 -14.24 -22.43 9.02
CA LEU B 406 -14.11 -22.95 7.66
C LEU B 406 -13.73 -21.87 6.65
N TYR B 407 -13.65 -20.62 7.06
CA TYR B 407 -13.08 -19.61 6.18
C TYR B 407 -11.60 -19.42 6.41
N ALA B 408 -10.98 -20.27 7.22
CA ALA B 408 -9.53 -20.29 7.29
C ALA B 408 -8.91 -20.98 6.09
N PHE B 409 -9.71 -21.55 5.20
CA PHE B 409 -9.24 -22.10 3.94
C PHE B 409 -9.25 -21.05 2.84
N SER B 410 -9.38 -19.78 3.19
CA SER B 410 -9.36 -18.70 2.22
C SER B 410 -7.91 -18.34 1.89
N LYS B 411 -7.73 -17.33 1.05
CA LYS B 411 -6.41 -16.92 0.60
C LYS B 411 -6.02 -15.53 1.11
N ASP B 412 -6.78 -14.51 0.76
CA ASP B 412 -6.45 -13.13 1.09
C ASP B 412 -7.70 -12.42 1.56
N ILE B 413 -7.50 -11.32 2.30
CA ILE B 413 -8.60 -10.60 2.92
C ILE B 413 -9.49 -9.95 1.87
N PHE B 414 -8.91 -9.18 0.96
CA PHE B 414 -9.73 -8.44 0.02
C PHE B 414 -10.35 -9.32 -1.06
N SER B 415 -9.96 -10.59 -1.13
CA SER B 415 -10.74 -11.57 -1.88
C SER B 415 -11.99 -11.99 -1.12
N VAL B 416 -12.02 -11.79 0.18
CA VAL B 416 -13.19 -12.17 0.97
C VAL B 416 -14.12 -10.97 1.18
N ILE B 417 -13.57 -9.76 1.30
CA ILE B 417 -14.40 -8.57 1.38
C ILE B 417 -15.18 -8.38 0.09
N ASN B 418 -14.57 -8.69 -1.05
CA ASN B 418 -15.32 -8.73 -2.28
C ASN B 418 -16.28 -9.91 -2.33
N PHE B 419 -16.05 -10.94 -1.52
CA PHE B 419 -16.97 -12.07 -1.47
C PHE B 419 -18.06 -11.87 -0.43
N PHE B 420 -17.73 -11.20 0.68
CA PHE B 420 -18.72 -10.74 1.63
C PHE B 420 -19.70 -9.78 0.99
N SER B 421 -19.19 -8.69 0.43
CA SER B 421 -20.03 -7.56 0.08
C SER B 421 -20.83 -7.77 -1.19
N PHE B 422 -20.63 -8.85 -1.93
CA PHE B 422 -21.55 -9.13 -3.01
C PHE B 422 -22.91 -9.54 -2.46
N PHE B 423 -22.93 -10.59 -1.66
CA PHE B 423 -24.18 -11.11 -1.14
C PHE B 423 -24.76 -10.28 -0.01
N ASN B 424 -23.97 -9.36 0.56
CA ASN B 424 -24.54 -8.43 1.53
C ASN B 424 -25.45 -7.44 0.85
N TRP B 425 -24.95 -6.79 -0.19
CA TRP B 425 -25.74 -5.76 -0.84
C TRP B 425 -26.81 -6.34 -1.77
N LEU B 426 -26.79 -7.64 -2.00
CA LEU B 426 -27.94 -8.28 -2.62
C LEU B 426 -29.10 -8.39 -1.64
N CYS B 427 -28.83 -8.87 -0.43
CA CYS B 427 -29.91 -9.09 0.54
C CYS B 427 -30.48 -7.79 1.05
N VAL B 428 -29.67 -6.74 1.14
CA VAL B 428 -30.17 -5.44 1.54
C VAL B 428 -31.05 -4.85 0.46
N ALA B 429 -30.72 -5.11 -0.81
CA ALA B 429 -31.55 -4.62 -1.89
C ALA B 429 -32.86 -5.36 -1.98
N LEU B 430 -32.90 -6.62 -1.55
CA LEU B 430 -34.15 -7.38 -1.62
C LEU B 430 -35.17 -6.89 -0.61
N ALA B 431 -34.72 -6.46 0.57
CA ALA B 431 -35.68 -6.06 1.58
C ALA B 431 -36.31 -4.73 1.24
N ILE B 432 -35.62 -3.89 0.49
CA ILE B 432 -36.17 -2.57 0.20
C ILE B 432 -37.05 -2.61 -1.05
N ILE B 433 -36.74 -3.49 -2.00
CA ILE B 433 -37.71 -3.81 -3.04
C ILE B 433 -38.96 -4.40 -2.42
N GLY B 434 -38.78 -5.28 -1.43
CA GLY B 434 -39.92 -5.74 -0.67
C GLY B 434 -40.60 -4.65 0.12
N MET B 435 -39.83 -3.64 0.53
CA MET B 435 -40.44 -2.47 1.17
C MET B 435 -41.24 -1.66 0.17
N ILE B 436 -40.79 -1.63 -1.09
CA ILE B 436 -41.45 -0.77 -2.04
C ILE B 436 -42.57 -1.48 -2.80
N TRP B 437 -42.55 -2.82 -2.84
CA TRP B 437 -43.69 -3.56 -3.37
C TRP B 437 -44.79 -3.70 -2.34
N LEU B 438 -44.47 -3.44 -1.08
CA LEU B 438 -45.46 -3.29 -0.03
C LEU B 438 -46.03 -1.89 0.02
N ARG B 439 -45.59 -1.00 -0.88
CA ARG B 439 -46.25 0.28 -1.04
C ARG B 439 -47.08 0.36 -2.33
N HIS B 440 -46.72 -0.39 -3.37
CA HIS B 440 -47.66 -0.59 -4.47
C HIS B 440 -48.90 -1.34 -3.99
N ARG B 441 -48.72 -2.60 -3.62
CA ARG B 441 -49.78 -3.40 -3.05
C ARG B 441 -49.80 -3.15 -1.54
N LYS B 442 -50.97 -3.36 -0.94
CA LYS B 442 -51.27 -3.27 0.48
C LYS B 442 -50.88 -1.93 1.10
N PRO B 443 -51.64 -0.87 0.84
CA PRO B 443 -51.46 0.38 1.60
C PRO B 443 -52.11 0.30 2.97
N GLU B 444 -52.23 1.46 3.62
CA GLU B 444 -52.99 1.70 4.87
C GLU B 444 -52.57 0.80 6.03
N LEU B 445 -51.33 0.31 5.98
CA LEU B 445 -50.77 -0.49 7.06
C LEU B 445 -50.24 0.36 8.21
N GLU B 446 -50.54 1.66 8.18
CA GLU B 446 -50.16 2.64 9.19
C GLU B 446 -48.65 2.70 9.35
N ARG B 447 -48.02 3.13 8.26
CA ARG B 447 -46.64 3.56 8.30
C ARG B 447 -46.51 4.75 9.25
N PRO B 448 -45.57 4.73 10.18
CA PRO B 448 -45.36 5.90 11.04
C PRO B 448 -44.27 6.84 10.55
N ILE B 449 -43.57 6.48 9.48
CA ILE B 449 -42.51 7.32 8.91
C ILE B 449 -42.79 7.46 7.42
N LYS B 450 -42.82 8.70 6.94
CA LYS B 450 -43.03 9.02 5.54
C LYS B 450 -41.66 9.26 4.91
N VAL B 451 -41.26 8.38 4.01
CA VAL B 451 -40.11 8.67 3.17
C VAL B 451 -40.60 9.08 1.78
N ASN B 452 -39.72 9.69 1.01
CA ASN B 452 -40.08 10.14 -0.32
C ASN B 452 -40.28 8.94 -1.23
N LEU B 453 -41.06 9.14 -2.30
CA LEU B 453 -41.41 8.03 -3.17
C LEU B 453 -40.21 7.50 -3.94
N ALA B 454 -39.22 8.33 -4.20
CA ALA B 454 -38.07 7.91 -4.96
C ALA B 454 -36.81 7.78 -4.13
N LEU B 455 -36.85 8.19 -2.86
CA LEU B 455 -35.66 8.10 -2.02
C LEU B 455 -35.20 6.66 -1.77
N PRO B 456 -36.05 5.67 -1.47
CA PRO B 456 -35.54 4.30 -1.54
C PRO B 456 -35.31 3.81 -2.95
N VAL B 457 -36.00 4.37 -3.95
CA VAL B 457 -35.68 4.04 -5.34
C VAL B 457 -34.31 4.58 -5.69
N PHE B 458 -33.96 5.74 -5.16
CA PHE B 458 -32.62 6.32 -5.29
C PHE B 458 -31.57 5.40 -4.67
N PHE B 459 -31.94 4.66 -3.64
CA PHE B 459 -31.04 3.66 -3.08
C PHE B 459 -30.88 2.49 -4.04
N ILE B 460 -31.99 1.98 -4.56
CA ILE B 460 -32.00 0.65 -5.15
C ILE B 460 -31.27 0.63 -6.48
N LEU B 461 -31.49 1.63 -7.33
CA LEU B 461 -30.80 1.64 -8.62
C LEU B 461 -29.32 1.95 -8.43
N ALA B 462 -28.96 2.63 -7.35
CA ALA B 462 -27.56 2.74 -6.98
C ALA B 462 -27.04 1.40 -6.47
N CYS B 463 -27.89 0.66 -5.75
CA CYS B 463 -27.45 -0.57 -5.13
C CYS B 463 -27.31 -1.70 -6.15
N LEU B 464 -28.29 -1.86 -7.05
CA LEU B 464 -28.23 -2.93 -8.03
C LEU B 464 -27.16 -2.69 -9.09
N PHE B 465 -26.66 -1.46 -9.20
CA PHE B 465 -25.47 -1.19 -9.99
C PHE B 465 -24.28 -1.99 -9.52
N LEU B 466 -24.07 -2.05 -8.21
CA LEU B 466 -22.92 -2.71 -7.63
C LEU B 466 -22.94 -4.22 -7.83
N ILE B 467 -24.13 -4.82 -7.89
CA ILE B 467 -24.22 -6.27 -8.08
C ILE B 467 -23.85 -6.64 -9.51
N ALA B 468 -24.48 -6.00 -10.48
CA ALA B 468 -24.36 -6.44 -11.86
C ALA B 468 -22.98 -6.16 -12.44
N VAL B 469 -22.29 -5.16 -11.89
CA VAL B 469 -20.95 -4.83 -12.36
C VAL B 469 -19.91 -5.74 -11.72
N SER B 470 -20.30 -6.54 -10.73
CA SER B 470 -19.43 -7.55 -10.17
C SER B 470 -19.56 -8.90 -10.86
N PHE B 471 -20.15 -8.92 -12.06
CA PHE B 471 -20.07 -10.06 -12.96
C PHE B 471 -18.97 -9.90 -13.99
N TRP B 472 -18.86 -8.70 -14.56
CA TRP B 472 -17.74 -8.37 -15.43
C TRP B 472 -16.43 -8.38 -14.66
N LYS B 473 -16.48 -8.08 -13.37
CA LYS B 473 -15.31 -8.08 -12.52
C LYS B 473 -15.43 -9.22 -11.51
N THR B 474 -14.54 -10.19 -11.62
CA THR B 474 -14.37 -11.35 -10.75
C THR B 474 -15.63 -12.18 -10.52
N PRO B 475 -16.09 -12.97 -11.49
CA PRO B 475 -17.14 -13.94 -11.22
C PRO B 475 -16.66 -15.25 -10.64
N VAL B 476 -15.40 -15.32 -10.19
CA VAL B 476 -14.93 -16.53 -9.54
C VAL B 476 -15.51 -16.66 -8.14
N GLU B 477 -15.89 -15.54 -7.52
CA GLU B 477 -16.49 -15.57 -6.19
C GLU B 477 -18.00 -15.62 -6.26
N CYS B 478 -18.61 -14.88 -7.19
CA CYS B 478 -20.05 -14.91 -7.39
C CYS B 478 -20.51 -16.21 -8.01
N GLY B 479 -19.63 -16.94 -8.67
CA GLY B 479 -20.04 -18.21 -9.26
C GLY B 479 -20.28 -19.26 -8.20
N ILE B 480 -19.30 -19.48 -7.33
CA ILE B 480 -19.43 -20.50 -6.29
C ILE B 480 -20.38 -20.07 -5.19
N GLY B 481 -20.63 -18.77 -5.05
CA GLY B 481 -21.62 -18.33 -4.09
C GLY B 481 -23.04 -18.62 -4.54
N PHE B 482 -23.25 -18.75 -5.84
CA PHE B 482 -24.56 -19.20 -6.29
C PHE B 482 -24.69 -20.71 -6.23
N THR B 483 -23.58 -21.42 -6.03
CA THR B 483 -23.68 -22.86 -5.80
C THR B 483 -24.18 -23.14 -4.39
N ILE B 484 -23.72 -22.36 -3.41
CA ILE B 484 -24.12 -22.60 -2.04
C ILE B 484 -25.55 -22.12 -1.76
N ILE B 485 -26.07 -21.17 -2.52
CA ILE B 485 -27.45 -20.75 -2.31
C ILE B 485 -28.43 -21.58 -3.12
N LEU B 486 -27.94 -22.25 -4.16
CA LEU B 486 -28.77 -23.24 -4.82
C LEU B 486 -28.56 -24.63 -4.24
N SER B 487 -27.84 -24.73 -3.15
CA SER B 487 -27.82 -25.94 -2.35
C SER B 487 -28.70 -25.83 -1.12
N GLY B 488 -29.26 -24.65 -0.90
CA GLY B 488 -30.15 -24.43 0.22
C GLY B 488 -31.56 -24.82 -0.17
N LEU B 489 -31.83 -24.78 -1.47
CA LEU B 489 -33.14 -25.14 -2.00
C LEU B 489 -33.38 -26.63 -1.77
N PRO B 490 -32.42 -27.47 -2.19
CA PRO B 490 -32.47 -28.92 -2.04
C PRO B 490 -32.87 -29.30 -0.61
N VAL B 491 -32.22 -28.68 0.37
CA VAL B 491 -32.55 -28.93 1.77
C VAL B 491 -33.76 -28.15 2.24
N TYR B 492 -34.26 -27.22 1.43
CA TYR B 492 -35.58 -26.65 1.72
C TYR B 492 -36.66 -27.68 1.47
N PHE B 493 -36.59 -28.35 0.33
CA PHE B 493 -37.60 -29.33 -0.02
C PHE B 493 -37.49 -30.61 0.80
N PHE B 494 -36.33 -30.87 1.37
CA PHE B 494 -36.21 -31.93 2.37
C PHE B 494 -36.51 -31.42 3.76
N GLY B 495 -36.40 -30.12 3.99
CA GLY B 495 -36.66 -29.57 5.29
C GLY B 495 -38.13 -29.37 5.62
N VAL B 496 -38.79 -28.49 4.87
CA VAL B 496 -40.14 -28.06 5.25
C VAL B 496 -41.20 -28.41 4.23
N TRP B 497 -40.86 -28.68 2.98
CA TRP B 497 -41.83 -29.17 2.03
C TRP B 497 -42.11 -30.65 2.21
N TRP B 498 -41.30 -31.35 3.00
CA TRP B 498 -41.19 -32.79 2.91
C TRP B 498 -42.40 -33.53 3.47
N LYS B 499 -42.81 -34.56 2.73
CA LYS B 499 -43.86 -35.47 3.17
C LYS B 499 -43.28 -36.42 4.20
N ASN B 500 -43.81 -36.37 5.41
CA ASN B 500 -43.22 -37.00 6.59
C ASN B 500 -43.46 -38.49 6.68
N LYS B 501 -43.82 -39.13 5.57
CA LYS B 501 -44.15 -40.55 5.50
C LYS B 501 -43.13 -41.54 6.06
N PRO B 502 -41.81 -41.50 5.73
CA PRO B 502 -40.98 -42.71 5.92
C PRO B 502 -40.72 -43.13 7.36
N LYS B 503 -40.83 -42.20 8.32
CA LYS B 503 -41.00 -42.49 9.75
C LYS B 503 -39.74 -43.10 10.41
N TRP B 504 -38.75 -43.46 9.60
CA TRP B 504 -37.44 -43.80 10.15
C TRP B 504 -36.70 -42.53 10.51
N LEU B 505 -36.74 -41.54 9.62
CA LEU B 505 -36.07 -40.26 9.84
C LEU B 505 -36.80 -39.43 10.89
N LEU B 506 -38.12 -39.54 11.00
CA LEU B 506 -38.82 -38.87 12.08
C LEU B 506 -38.53 -39.52 13.42
N GLN B 507 -38.04 -40.75 13.41
CA GLN B 507 -37.35 -41.30 14.56
C GLN B 507 -35.88 -40.91 14.56
N GLY B 508 -35.29 -40.78 13.37
CA GLY B 508 -33.87 -40.47 13.30
C GLY B 508 -33.56 -39.04 13.70
N ILE B 509 -34.45 -38.11 13.38
CA ILE B 509 -34.30 -36.74 13.85
C ILE B 509 -34.45 -36.68 15.36
N PHE B 510 -35.41 -37.41 15.90
CA PHE B 510 -35.60 -37.43 17.34
C PHE B 510 -34.47 -38.18 18.03
N SER B 511 -33.83 -39.12 17.34
CA SER B 511 -32.68 -39.80 17.91
C SER B 511 -31.47 -38.87 17.97
N THR B 512 -31.28 -38.08 16.92
CA THR B 512 -30.14 -37.16 16.88
C THR B 512 -30.32 -36.00 17.85
N THR B 513 -31.55 -35.50 17.98
CA THR B 513 -31.81 -34.34 18.82
C THR B 513 -31.61 -34.66 20.30
N VAL B 514 -32.08 -35.82 20.75
CA VAL B 514 -31.79 -36.21 22.12
C VAL B 514 -30.32 -36.57 22.29
N LEU B 515 -29.62 -36.90 21.21
CA LEU B 515 -28.21 -37.21 21.34
C LEU B 515 -27.41 -35.94 21.57
N CYS B 516 -27.74 -34.87 20.86
CA CYS B 516 -27.02 -33.61 21.06
C CYS B 516 -27.42 -32.91 22.34
N GLN B 517 -28.65 -33.13 22.82
CA GLN B 517 -29.02 -32.54 24.09
C GLN B 517 -28.35 -33.26 25.25
N LYS B 518 -28.23 -34.57 25.15
CA LYS B 518 -27.44 -35.30 26.12
C LYS B 518 -25.96 -35.00 25.97
N LEU B 519 -25.53 -34.55 24.78
CA LEU B 519 -24.13 -34.20 24.57
C LEU B 519 -23.79 -32.83 25.14
N MET B 520 -24.71 -31.87 25.06
CA MET B 520 -24.36 -30.50 25.43
C MET B 520 -25.11 -29.98 26.63
N GLN B 521 -26.07 -30.74 27.18
CA GLN B 521 -26.94 -30.35 28.30
C GLN B 521 -27.72 -29.07 27.96
N VAL B 522 -28.61 -29.17 26.98
CA VAL B 522 -29.46 -28.05 26.63
C VAL B 522 -30.92 -28.45 26.68
N VAL B 523 -31.73 -27.52 27.16
CA VAL B 523 -33.17 -27.69 27.30
C VAL B 523 -33.81 -26.67 26.37
N PRO B 524 -35.05 -26.91 25.94
CA PRO B 524 -35.67 -25.98 25.00
C PRO B 524 -36.00 -24.64 25.63
N GLN B 525 -36.39 -23.72 24.75
CA GLN B 525 -36.87 -22.40 25.15
C GLN B 525 -38.15 -22.56 25.97
N GLU B 526 -38.36 -21.61 26.89
CA GLU B 526 -39.47 -21.68 27.84
C GLU B 526 -40.81 -21.63 27.11
N THR B 527 -41.54 -22.73 27.18
CA THR B 527 -42.76 -22.90 26.39
C THR B 527 -43.86 -23.58 27.21
C1 NAG C . 12.26 10.13 -35.96
C2 NAG C . 13.76 10.13 -36.26
C3 NAG C . 13.99 9.82 -37.75
C4 NAG C . 13.34 8.50 -38.12
C5 NAG C . 11.85 8.52 -37.75
C6 NAG C . 11.17 7.19 -37.96
C7 NAG C . 15.67 11.46 -35.48
C8 NAG C . 16.18 12.83 -35.18
N2 NAG C . 14.40 11.39 -35.90
O3 NAG C . 15.38 9.80 -38.04
O4 NAG C . 13.45 8.27 -39.52
O5 NAG C . 11.68 8.86 -36.36
O6 NAG C . 11.76 6.18 -37.15
O7 NAG C . 16.37 10.46 -35.35
C1 NAG C . 14.42 7.24 -39.83
C2 NAG C . 14.64 7.23 -41.34
C3 NAG C . 15.72 6.21 -41.73
C4 NAG C . 16.99 6.46 -40.95
C5 NAG C . 16.71 6.47 -39.45
C6 NAG C . 17.91 6.84 -38.62
C7 NAG C . 12.77 7.83 -42.83
C8 NAG C . 11.50 7.36 -43.47
N2 NAG C . 13.39 6.94 -42.04
O3 NAG C . 15.96 6.28 -43.13
O4 NAG C . 17.95 5.45 -41.24
O5 NAG C . 15.69 7.45 -39.17
O6 NAG C . 17.90 8.21 -38.27
O7 NAG C . 13.22 8.96 -43.02
C1 NAG D . 39.06 15.16 9.72
C2 NAG D . 38.39 14.22 10.71
C3 NAG D . 39.38 13.83 11.80
C4 NAG D . 40.79 13.52 11.27
C5 NAG D . 41.19 14.24 9.95
C6 NAG D . 42.22 13.48 9.16
C7 NAG D . 36.15 14.15 11.70
C8 NAG D . 35.02 14.95 12.28
N2 NAG D . 37.21 14.84 11.30
O3 NAG D . 38.89 12.71 12.50
O4 NAG D . 41.72 13.88 12.30
O5 NAG D . 40.08 14.48 9.07
O6 NAG D . 42.10 13.74 7.77
O7 NAG D . 36.09 12.93 11.60
C1 NAG D . 41.94 15.31 12.51
C2 NAG D . 41.76 15.78 13.98
C3 NAG D . 42.08 17.28 14.09
C4 NAG D . 43.45 17.59 13.51
C5 NAG D . 43.54 17.08 12.07
C6 NAG D . 44.90 17.29 11.45
C7 NAG D . 40.14 14.92 15.64
C8 NAG D . 41.31 14.49 16.49
N2 NAG D . 40.42 15.51 14.47
O3 NAG D . 42.02 17.67 15.47
O4 NAG D . 43.69 18.99 13.53
O5 NAG D . 43.26 15.67 12.04
O6 NAG D . 44.85 18.22 10.37
O7 NAG D . 38.98 14.72 16.00
C1 NAG E . 42.87 14.83 -17.69
C2 NAG E . 43.78 13.62 -17.99
C3 NAG E . 45.18 14.07 -18.39
C4 NAG E . 45.10 15.01 -19.58
C5 NAG E . 44.24 16.22 -19.22
C6 NAG E . 44.02 17.16 -20.38
C7 NAG E . 43.88 11.40 -16.95
C8 NAG E . 43.97 10.63 -15.66
N2 NAG E . 43.86 12.73 -16.84
O3 NAG E . 45.97 12.94 -18.73
O4 NAG E . 46.40 15.38 -20.05
O5 NAG E . 42.93 15.77 -18.82
O6 NAG E . 44.39 16.57 -21.62
O7 NAG E . 43.82 10.83 -18.03
C1 NAG E . 47.27 16.03 -19.10
C2 NAG E . 48.65 15.40 -19.15
C3 NAG E . 49.61 16.13 -18.21
C4 NAG E . 49.62 17.63 -18.52
C5 NAG E . 48.20 18.19 -18.47
C6 NAG E . 48.12 19.63 -18.89
C7 NAG E . 49.37 13.06 -19.41
C8 NAG E . 49.19 11.65 -18.93
N2 NAG E . 48.61 13.99 -18.81
O3 NAG E . 50.93 15.60 -18.36
O4 NAG E . 50.43 18.32 -17.57
O5 NAG E . 47.35 17.44 -19.37
O6 NAG E . 46.99 19.86 -19.72
O7 NAG E . 50.18 13.36 -20.28
C1 NAG F . 37.52 -10.31 -5.47
C2 NAG F . 38.59 -9.95 -4.43
C3 NAG F . 38.75 -11.07 -3.39
C4 NAG F . 38.52 -12.46 -3.98
C5 NAG F . 37.18 -12.55 -4.74
C6 NAG F . 36.15 -13.38 -4.02
C7 NAG F . 40.76 -8.81 -4.53
C8 NAG F . 42.02 -8.60 -5.31
N2 NAG F . 39.87 -9.64 -5.07
O3 NAG F . 37.86 -10.84 -2.32
O4 NAG F . 39.57 -12.81 -4.87
O5 NAG F . 36.61 -11.24 -4.91
O6 NAG F . 35.06 -13.69 -4.87
O7 NAG F . 40.56 -8.24 -3.46
C1 NAG F . 40.52 -13.67 -4.23
C2 NAG F . 40.61 -14.97 -5.02
C3 NAG F . 41.66 -15.90 -4.41
C4 NAG F . 43.00 -15.19 -4.30
C5 NAG F . 42.84 -13.87 -3.53
C6 NAG F . 44.10 -13.04 -3.52
C7 NAG F . 38.52 -15.58 -6.16
C8 NAG F . 37.23 -16.33 -6.06
N2 NAG F . 39.32 -15.65 -5.10
O3 NAG F . 41.80 -17.07 -5.21
O4 NAG F . 43.94 -16.01 -3.62
O5 NAG F . 41.82 -13.07 -4.15
O6 NAG F . 44.26 -12.33 -4.73
O7 NAG F . 38.83 -14.95 -7.16
O13 3PH G . -20.46 -29.84 31.04
P 3PH G . -21.57 -28.83 30.81
O14 3PH G . -22.15 -28.25 32.07
O12 3PH G . -22.59 -29.25 29.79
O11 3PH G . -20.82 -27.58 30.12
C1 3PH G . -21.44 -26.85 29.08
C2 3PH G . -20.46 -26.67 27.92
O21 3PH G . -19.81 -27.91 27.66
C21 3PH G . -20.44 -28.62 26.55
O22 3PH G . -21.65 -28.55 26.43
C22 3PH G . -19.60 -29.44 25.60
C23 3PH G . -19.05 -28.53 24.51
C24 3PH G . -18.01 -29.26 23.67
C25 3PH G . -18.57 -29.61 22.29
C26 3PH G . -17.44 -29.91 21.31
C27 3PH G . -17.86 -30.99 20.31
C28 3PH G . -19.30 -30.78 19.86
C29 3PH G . -19.90 -32.08 19.32
C2A 3PH G . -20.76 -31.81 18.09
C2B 3PH G . -21.42 -33.09 17.60
C2C 3PH G . -22.45 -32.80 16.51
C2D 3PH G . -23.03 -34.08 15.94
C2E 3PH G . -24.45 -33.86 15.45
C2F 3PH G . -24.51 -32.72 14.43
C2G 3PH G . -23.58 -33.01 13.25
C2H 3PH G . -24.12 -32.36 11.98
C2I 3PH G . -23.17 -32.58 10.81
C3 3PH G . -19.43 -25.61 28.29
O31 3PH G . -19.24 -24.74 27.17
C31 3PH G . -17.89 -24.35 26.77
O32 3PH G . -16.98 -24.44 27.58
C32 3PH G . -17.63 -23.88 25.36
C33 3PH G . -17.39 -25.08 24.45
C34 3PH G . -17.53 -24.69 22.99
C35 3PH G . -16.16 -24.52 22.34
C36 3PH G . -16.29 -24.20 20.85
C37 3PH G . -16.30 -25.47 20.01
C38 3PH G . -16.04 -25.16 18.54
C39 3PH G . -16.51 -26.31 17.65
C3A 3PH G . -16.29 -27.65 18.35
C3B 3PH G . -14.81 -28.02 18.39
C3C 3PH G . -14.24 -28.15 16.98
C3D 3PH G . -12.76 -27.77 16.95
C3E 3PH G . -12.59 -26.31 16.54
C3F 3PH G . -11.11 -25.99 16.27
C3G 3PH G . -10.50 -27.02 15.32
C3H 3PH G . -11.35 -27.17 14.06
C3I 3PH G . -10.62 -26.64 12.84
O13 3PH H . -37.33 -30.15 15.08
P 3PH H . -38.25 -29.87 13.92
O14 3PH H . -39.29 -30.94 13.66
O12 3PH H . -38.80 -28.47 13.87
O11 3PH H . -37.29 -29.95 12.63
C1 3PH H . -37.80 -29.64 11.34
C2 3PH H . -36.70 -29.82 10.31
O21 3PH H . -35.57 -30.44 10.91
C21 3PH H . -34.98 -31.48 10.08
O22 3PH H . -35.59 -31.86 9.09
C22 3PH H . -33.65 -32.07 10.44
C23 3PH H . -33.02 -32.65 9.18
C24 3PH H . -31.54 -32.95 9.38
C25 3PH H . -30.87 -33.24 8.04
C26 3PH H . -30.94 -32.02 7.13
C27 3PH H . -30.74 -32.41 5.67
C28 3PH H . -29.34 -32.97 5.42
C29 3PH H . -29.26 -33.60 4.04
C2A 3PH H . -27.83 -34.02 3.70
C2B 3PH H . -27.27 -34.97 4.77
C2C 3PH H . -25.79 -35.25 4.52
C2D 3PH H . -25.17 -35.86 5.77
C2E 3PH H . -23.68 -36.11 5.61
C2F 3PH H . -23.41 -37.30 4.70
C2G 3PH H . -22.10 -37.98 5.08
C2H 3PH H . -20.91 -37.02 4.98
C2I 3PH H . -19.65 -37.63 5.54
C3 3PH H . -36.28 -28.45 9.77
O31 3PH H . -35.29 -28.65 8.76
C31 3PH H . -34.44 -27.56 8.31
O32 3PH H . -34.78 -26.40 8.52
C32 3PH H . -33.14 -27.89 7.64
C33 3PH H . -32.19 -26.70 7.68
C34 3PH H . -30.78 -27.13 7.31
C35 3PH H . -30.05 -27.75 8.49
C36 3PH H . -29.37 -26.67 9.33
C37 3PH H . -28.64 -27.27 10.53
C38 3PH H . -27.53 -28.21 10.10
C39 3PH H . -26.81 -28.80 11.31
C3A 3PH H . -27.78 -29.59 12.18
C3B 3PH H . -27.13 -30.04 13.48
C3C 3PH H . -26.68 -28.83 14.29
C3D 3PH H . -25.80 -29.26 15.46
C3E 3PH H . -24.96 -28.09 15.97
C3F 3PH H . -23.50 -28.50 16.09
C3G 3PH H . -22.92 -28.86 14.73
C3H 3PH H . -22.68 -27.61 13.89
C3I 3PH H . -22.13 -27.98 12.52
C10 AUU I . -18.25 -3.78 12.28
C04 AUU I . -17.43 -3.69 9.87
C05 AUU I . -18.39 -4.30 10.70
C06 AUU I . -17.28 -6.08 9.75
C07 AUU I . -18.26 -5.74 10.65
C08 AUU I . -17.68 -4.84 8.65
C09 AUU I . -16.13 -4.06 10.03
C11 AUU I . -16.04 -5.52 10.01
N03 AUU I . -19.73 -3.93 10.21
O01 AUU I . -19.21 -4.00 13.07
O02 AUU I . -17.24 -3.18 12.69
#